data_8Y6P
#
_entry.id   8Y6P
#
_entity_poly.entity_id   1
_entity_poly.type   'polypeptide(L)'
_entity_poly.pdbx_seq_one_letter_code
;MDFETGEHQYQYKDILSVFEDAFVDNFDCKDVQDMPKSILSKEEIDHIIMSKDAVSGTLRLFWTLLSKQEEMVQKFVEEV
LRINYKFLMSPIKTEQRQPSMMTRMYIEQRDRLYNDNQVFAKYNVSRLQPYLKLRQALLELRPAKNVLIDGVLGSGKTWV
ALDVCLSYKVQCKMDFKIFWLNLKNCNSPETVLEMLQKLLYQIDPNWTSRSDHSSNIKLRIHSIQAELRRLLKSKPYENC
LLVLLNVQNAKAWNAFNLSCKILLTTRFKQVTDFLSAATTTHISLDHHSMTLTPDEVKSLLLKYLDCRPQDLPREVLTTN
PRRLSIIAESIRAGLATWDNWKHVNCDKLTTIIESSLNVLEPAEYRKMFDRLSVFPPSAHIPTILLSLIWFDVIKSDVMV
VVNKLHKYSLVEKQPKESTISIPSIYLELKVKLENEYALHRSIVDHYNIPKTFDSDDLIPPYLDQYFYSHIGHHLKNIEH
PERMTLFRMVFLDFRFLEQKIRHDSTAWNASGSILNTLQQLKFYKPYICDNDPKYERLVNAILDFLPKIEENLICSKYTD
LLRIALMAEDEAIFEEAHKQVQRFDDRVWFTNHGRFHQHRQIINLGDNEGRHAVYLHNDFCLIALASGQILLTDVSLEGE
DTYLLRDESDSSDILRMAVFNQQKHLITLHCNGSVKLWSLWPDCPGRRHSGGSKQQLVNSVVKRFIGSYANLKIVAFYLN
EDAGLPEANIQLHVAFINGDVSILNWDEQDQEFKLSHVPVLKTMQSGIRCFVQVLKRYYVVCTSNCTLTVWDLTNGSSNT
LELHVFNVENDTPLALDVFDERSKTATVLLIFKYSVWRLNFLPGLSVSLQSEAVQLPEGSFITCGKRSTDGRYLLLGTSE
GLIVYDLKISDPVLRSNVSEHIECVDIYELFDPVYKYIVLCGAKGKQVVHVHTLRSVSGSNSHQNREIAWVHSADEISVM
TKACLEPNVYLRSLMDMTRERTQLLAVDSKERIHLIKPAISRISEWSTITPTHAASNCKINAISAFNDEQIFVGYVDGVI
IDVIHDTALPQQFIEEPIDYLKQVSPNILVASAHSAQKTVIFQLEKIDPLQPNDQWPLMMDVSTKYASLQEGQYIILFSD
HGVCHLDIANPSAFVKPKDSEEYIVGFDLKNSLLFLAYENNIIDVFRLIFSCNQLRYEQICEEEIAQKAKISYLVATDDG
TMLAMGFENGTLELFAVENRKVQLIYSIEEVHEHCIRQLLFSPCKLLLISCAEQLCFWNVTHMRNNQLEREQKRRRSRRH
KQHSVTQEDAVDAAPIAADIDVDVTFVADEFHPVNRGTAELWRNKRGNAIRPELLACVKFVGNEARQFFTDAHFSHFYAI
DDEGVYYHLQLLELSRLQPPPDPVTLDIANQYEDLKNLRILDSPLMQDSDSEGADVVGNLVLEKNGGVARATPILEEASS
HHHHHH
;
_entity_poly.pdbx_strand_id   Q
#
# COMPACT_ATOMS: atom_id res chain seq x y z
N TYR A 10 17.96 -31.03 -21.92
CA TYR A 10 18.76 -29.81 -21.87
C TYR A 10 19.94 -29.90 -22.83
N GLN A 11 20.51 -28.74 -23.17
CA GLN A 11 21.58 -28.65 -24.16
C GLN A 11 22.94 -28.55 -23.46
N TYR A 12 23.94 -29.20 -24.06
CA TYR A 12 25.27 -29.25 -23.46
C TYR A 12 25.90 -27.86 -23.34
N LYS A 13 25.58 -26.95 -24.28
CA LYS A 13 26.21 -25.64 -24.27
C LYS A 13 25.89 -24.87 -22.99
N ASP A 14 24.64 -24.92 -22.54
CA ASP A 14 24.25 -24.20 -21.33
C ASP A 14 24.99 -24.75 -20.10
N ILE A 15 25.10 -26.07 -19.99
CA ILE A 15 25.75 -26.66 -18.84
C ILE A 15 27.27 -26.52 -18.90
N LEU A 16 27.84 -26.31 -20.09
CA LEU A 16 29.30 -26.20 -20.19
C LEU A 16 29.80 -24.94 -19.47
N SER A 17 29.01 -23.87 -19.48
CA SER A 17 29.42 -22.63 -18.81
C SER A 17 29.54 -22.81 -17.31
N VAL A 18 28.88 -23.83 -16.76
CA VAL A 18 28.89 -24.10 -15.32
C VAL A 18 30.31 -24.46 -14.86
N PHE A 19 30.85 -25.53 -15.45
CA PHE A 19 32.19 -26.01 -15.10
C PHE A 19 33.19 -25.08 -15.79
N GLU A 20 33.46 -23.95 -15.16
CA GLU A 20 34.34 -22.94 -15.71
C GLU A 20 35.56 -22.66 -14.86
N ASP A 21 35.41 -22.60 -13.53
CA ASP A 21 36.56 -22.30 -12.67
C ASP A 21 37.63 -23.38 -12.78
N ALA A 22 37.30 -24.61 -12.34
CA ALA A 22 38.26 -25.69 -12.46
C ALA A 22 38.57 -26.03 -13.92
N PHE A 23 37.70 -25.62 -14.85
CA PHE A 23 38.06 -25.68 -16.26
C PHE A 23 39.26 -24.78 -16.55
N VAL A 24 39.27 -23.58 -15.98
CA VAL A 24 40.43 -22.70 -16.11
C VAL A 24 41.63 -23.31 -15.41
N ASP A 25 41.41 -23.89 -14.22
CA ASP A 25 42.51 -24.46 -13.45
C ASP A 25 43.18 -25.62 -14.19
N ASN A 26 42.40 -26.48 -14.84
CA ASN A 26 42.92 -27.69 -15.47
C ASN A 26 43.21 -27.51 -16.95
N PHE A 27 42.21 -27.11 -17.74
CA PHE A 27 42.41 -27.01 -19.18
C PHE A 27 43.40 -25.90 -19.51
N ASP A 28 44.15 -26.12 -20.59
CA ASP A 28 45.25 -25.25 -20.99
C ASP A 28 44.97 -24.49 -22.28
N CYS A 29 44.59 -25.20 -23.35
CA CYS A 29 44.38 -24.67 -24.69
C CYS A 29 45.70 -24.28 -25.34
N LYS A 30 46.79 -24.40 -24.58
CA LYS A 30 48.15 -24.27 -25.10
C LYS A 30 48.79 -25.63 -25.35
N ASP A 31 48.13 -26.71 -24.96
CA ASP A 31 48.64 -28.06 -25.19
C ASP A 31 47.70 -28.92 -26.03
N VAL A 32 46.68 -28.34 -26.65
CA VAL A 32 45.74 -29.10 -27.46
C VAL A 32 45.72 -28.54 -28.88
N GLN A 33 46.87 -28.06 -29.35
CA GLN A 33 46.96 -27.52 -30.72
C GLN A 33 46.73 -28.58 -31.78
N ASP A 34 46.60 -29.86 -31.40
CA ASP A 34 46.08 -30.89 -32.29
C ASP A 34 44.56 -30.83 -32.41
N MET A 35 44.00 -29.69 -32.00
CA MET A 35 42.56 -29.49 -31.98
C MET A 35 41.98 -29.68 -33.39
N PRO A 36 41.07 -30.64 -33.60
CA PRO A 36 40.45 -30.82 -34.92
C PRO A 36 39.94 -29.52 -35.54
N LYS A 37 40.49 -29.21 -36.72
CA LYS A 37 40.36 -27.88 -37.31
C LYS A 37 38.91 -27.52 -37.68
N SER A 38 38.05 -28.52 -37.89
CA SER A 38 36.66 -28.21 -38.21
C SER A 38 35.96 -27.53 -37.03
N ILE A 39 36.22 -27.99 -35.81
CA ILE A 39 35.55 -27.43 -34.64
C ILE A 39 35.92 -25.96 -34.45
N LEU A 40 37.20 -25.63 -34.56
CA LEU A 40 37.68 -24.27 -34.41
C LEU A 40 38.52 -23.89 -35.62
N SER A 41 38.16 -22.78 -36.27
CA SER A 41 38.93 -22.30 -37.41
C SER A 41 40.33 -21.89 -36.96
N LYS A 42 41.29 -22.00 -37.88
CA LYS A 42 42.69 -21.79 -37.53
C LYS A 42 42.93 -20.38 -37.02
N GLU A 43 42.34 -19.38 -37.68
CA GLU A 43 42.56 -17.99 -37.28
C GLU A 43 42.06 -17.73 -35.86
N GLU A 44 40.82 -18.12 -35.58
CA GLU A 44 40.27 -17.83 -34.26
C GLU A 44 40.95 -18.64 -33.17
N ILE A 45 41.32 -19.89 -33.45
CA ILE A 45 42.00 -20.67 -32.43
C ILE A 45 43.39 -20.11 -32.14
N ASP A 46 44.08 -19.62 -33.18
CA ASP A 46 45.33 -18.91 -32.94
C ASP A 46 45.09 -17.65 -32.11
N HIS A 47 43.97 -16.98 -32.35
CA HIS A 47 43.64 -15.79 -31.55
C HIS A 47 43.44 -16.14 -30.08
N ILE A 48 42.74 -17.24 -29.80
CA ILE A 48 42.58 -17.68 -28.41
C ILE A 48 43.92 -18.06 -27.79
N ILE A 49 44.74 -18.81 -28.54
CA ILE A 49 46.02 -19.26 -27.99
C ILE A 49 46.94 -18.07 -27.74
N MET A 50 46.81 -17.01 -28.53
CA MET A 50 47.67 -15.84 -28.36
C MET A 50 47.40 -15.10 -27.05
N SER A 51 46.30 -15.40 -26.38
CA SER A 51 45.99 -14.72 -25.12
C SER A 51 47.07 -15.01 -24.07
N LYS A 52 47.30 -14.03 -23.19
CA LYS A 52 48.43 -14.10 -22.27
C LYS A 52 48.12 -14.97 -21.06
N ASP A 53 47.13 -14.57 -20.26
CA ASP A 53 46.83 -15.27 -19.03
C ASP A 53 45.86 -16.42 -19.27
N ALA A 54 45.82 -17.34 -18.30
CA ALA A 54 44.96 -18.51 -18.42
C ALA A 54 43.48 -18.11 -18.42
N VAL A 55 43.11 -17.18 -17.55
CA VAL A 55 41.69 -16.82 -17.41
C VAL A 55 41.16 -16.22 -18.71
N SER A 56 41.91 -15.28 -19.30
CA SER A 56 41.45 -14.63 -20.52
C SER A 56 41.36 -15.64 -21.68
N GLY A 57 42.37 -16.49 -21.82
CA GLY A 57 42.33 -17.49 -22.88
C GLY A 57 41.18 -18.46 -22.73
N THR A 58 40.94 -18.91 -21.49
CA THR A 58 39.82 -19.82 -21.24
C THR A 58 38.49 -19.14 -21.52
N LEU A 59 38.36 -17.86 -21.14
CA LEU A 59 37.12 -17.13 -21.41
C LEU A 59 36.89 -16.97 -22.91
N ARG A 60 37.96 -16.66 -23.66
CA ARG A 60 37.83 -16.53 -25.11
C ARG A 60 37.44 -17.87 -25.74
N LEU A 61 38.05 -18.96 -25.27
CA LEU A 61 37.68 -20.29 -25.77
C LEU A 61 36.23 -20.59 -25.46
N PHE A 62 35.78 -20.26 -24.25
CA PHE A 62 34.40 -20.50 -23.87
C PHE A 62 33.44 -19.72 -24.76
N TRP A 63 33.75 -18.45 -25.01
CA TRP A 63 32.89 -17.63 -25.87
C TRP A 63 32.85 -18.17 -27.30
N THR A 64 34.01 -18.57 -27.83
CA THR A 64 34.04 -19.12 -29.18
C THR A 64 33.26 -20.43 -29.27
N LEU A 65 33.38 -21.28 -28.25
CA LEU A 65 32.62 -22.53 -28.24
C LEU A 65 31.13 -22.27 -28.18
N LEU A 66 30.70 -21.33 -27.33
CA LEU A 66 29.27 -21.01 -27.24
C LEU A 66 28.77 -20.37 -28.52
N SER A 67 29.65 -19.69 -29.27
CA SER A 67 29.25 -19.10 -30.54
C SER A 67 28.83 -20.16 -31.54
N LYS A 68 29.54 -21.29 -31.58
CA LYS A 68 29.29 -22.33 -32.57
C LYS A 68 28.05 -23.14 -32.17
N GLN A 69 27.77 -24.19 -32.94
CA GLN A 69 26.60 -25.03 -32.74
C GLN A 69 27.01 -26.37 -32.12
N GLU A 70 26.00 -27.17 -31.75
CA GLU A 70 26.26 -28.44 -31.09
C GLU A 70 26.97 -29.44 -32.01
N GLU A 71 26.90 -29.24 -33.32
CA GLU A 71 27.55 -30.17 -34.24
C GLU A 71 29.07 -30.14 -34.13
N MET A 72 29.62 -29.14 -33.42
CA MET A 72 31.00 -29.18 -32.97
C MET A 72 31.13 -29.30 -31.46
N VAL A 73 30.11 -28.91 -30.70
CA VAL A 73 30.16 -29.02 -29.25
C VAL A 73 30.23 -30.48 -28.82
N GLN A 74 29.37 -31.32 -29.40
CA GLN A 74 29.37 -32.74 -29.05
C GLN A 74 30.68 -33.41 -29.45
N LYS A 75 31.32 -32.95 -30.52
CA LYS A 75 32.63 -33.47 -30.88
C LYS A 75 33.68 -33.01 -29.88
N PHE A 76 33.55 -31.78 -29.37
CA PHE A 76 34.41 -31.34 -28.27
C PHE A 76 34.24 -32.25 -27.06
N VAL A 77 33.01 -32.69 -26.79
CA VAL A 77 32.76 -33.63 -25.70
C VAL A 77 33.47 -34.96 -25.97
N GLU A 78 33.08 -35.62 -27.06
CA GLU A 78 33.59 -36.97 -27.30
C GLU A 78 35.07 -36.99 -27.65
N GLU A 79 35.50 -36.11 -28.55
CA GLU A 79 36.88 -36.08 -29.01
C GLU A 79 37.70 -35.08 -28.20
N VAL A 80 38.90 -34.79 -28.68
CA VAL A 80 39.78 -33.73 -28.19
C VAL A 80 40.23 -34.07 -26.78
N LEU A 81 39.44 -33.67 -25.76
CA LEU A 81 39.82 -33.90 -24.37
C LEU A 81 40.02 -35.38 -24.09
N ARG A 82 39.37 -36.26 -24.86
CA ARG A 82 39.52 -37.70 -24.71
C ARG A 82 40.97 -38.13 -24.78
N ILE A 83 41.80 -37.39 -25.54
CA ILE A 83 43.19 -37.77 -25.66
C ILE A 83 43.94 -37.52 -24.34
N ASN A 84 43.64 -36.39 -23.67
CA ASN A 84 44.37 -36.09 -22.44
C ASN A 84 43.51 -35.60 -21.28
N TYR A 85 42.36 -34.97 -21.52
CA TYR A 85 41.60 -34.32 -20.46
C TYR A 85 40.41 -35.15 -20.00
N LYS A 86 40.57 -36.48 -19.97
CA LYS A 86 39.51 -37.34 -19.45
C LYS A 86 39.19 -37.01 -18.00
N PHE A 87 40.18 -36.53 -17.25
CA PHE A 87 39.96 -36.14 -15.86
C PHE A 87 38.95 -35.00 -15.76
N LEU A 88 38.73 -34.28 -16.85
CA LEU A 88 37.73 -33.22 -16.85
C LEU A 88 36.39 -33.69 -17.41
N MET A 89 36.35 -34.86 -18.04
CA MET A 89 35.09 -35.47 -18.44
C MET A 89 34.14 -35.66 -17.27
N SER A 90 34.62 -36.36 -16.23
CA SER A 90 33.72 -37.07 -15.32
C SER A 90 32.60 -36.22 -14.73
N PRO A 91 32.82 -34.98 -14.26
CA PRO A 91 31.67 -34.16 -13.86
C PRO A 91 30.71 -33.89 -15.01
N ILE A 92 31.20 -33.24 -16.06
CA ILE A 92 30.31 -32.85 -17.16
C ILE A 92 29.85 -34.07 -17.94
N LYS A 93 30.73 -35.06 -18.11
CA LYS A 93 30.31 -36.30 -18.75
C LYS A 93 29.14 -36.92 -17.99
N THR A 94 29.03 -36.62 -16.70
CA THR A 94 27.84 -36.99 -15.95
C THR A 94 26.86 -35.82 -15.84
N GLU A 95 27.36 -34.58 -15.83
CA GLU A 95 26.48 -33.43 -15.61
C GLU A 95 25.50 -33.25 -16.77
N GLN A 96 25.82 -33.79 -17.94
CA GLN A 96 24.88 -33.77 -19.05
C GLN A 96 23.61 -34.54 -18.68
N ARG A 97 23.77 -35.64 -17.94
CA ARG A 97 22.63 -36.48 -17.58
C ARG A 97 21.95 -36.00 -16.30
N GLN A 98 22.70 -35.92 -15.20
CA GLN A 98 22.15 -35.64 -13.88
C GLN A 98 21.49 -34.26 -13.81
N PRO A 99 22.12 -33.21 -14.38
CA PRO A 99 21.60 -31.84 -14.25
C PRO A 99 21.25 -31.46 -12.81
N SER A 100 22.27 -31.07 -12.04
CA SER A 100 22.08 -30.77 -10.63
C SER A 100 21.19 -29.54 -10.44
N MET A 101 20.71 -29.37 -9.21
CA MET A 101 19.75 -28.33 -8.90
C MET A 101 20.34 -26.94 -9.13
N MET A 102 21.60 -26.73 -8.72
CA MET A 102 22.25 -25.45 -8.98
C MET A 102 22.37 -25.18 -10.48
N THR A 103 22.76 -26.22 -11.24
CA THR A 103 22.83 -26.09 -12.69
C THR A 103 21.48 -25.71 -13.27
N ARG A 104 20.41 -26.39 -12.84
CA ARG A 104 19.08 -26.10 -13.36
C ARG A 104 18.64 -24.69 -13.03
N MET A 105 18.90 -24.24 -11.79
CA MET A 105 18.51 -22.89 -11.41
C MET A 105 19.27 -21.84 -12.20
N TYR A 106 20.58 -22.02 -12.36
CA TYR A 106 21.36 -21.07 -13.13
C TYR A 106 20.91 -21.03 -14.59
N ILE A 107 20.65 -22.21 -15.17
CA ILE A 107 20.21 -22.26 -16.57
C ILE A 107 18.85 -21.60 -16.72
N GLU A 108 17.93 -21.82 -15.78
CA GLU A 108 16.62 -21.19 -15.84
C GLU A 108 16.73 -19.68 -15.76
N GLN A 109 17.56 -19.17 -14.84
CA GLN A 109 17.74 -17.72 -14.74
C GLN A 109 18.37 -17.15 -16.00
N ARG A 110 19.34 -17.86 -16.57
CA ARG A 110 19.98 -17.42 -17.81
C ARG A 110 18.99 -17.37 -18.96
N ASP A 111 18.13 -18.39 -19.07
CA ASP A 111 17.12 -18.40 -20.12
C ASP A 111 16.12 -17.25 -19.92
N ARG A 112 15.74 -16.97 -18.68
CA ARG A 112 14.84 -15.85 -18.42
C ARG A 112 15.48 -14.54 -18.85
N LEU A 113 16.77 -14.34 -18.51
CA LEU A 113 17.44 -13.11 -18.89
C LEU A 113 17.58 -12.99 -20.40
N TYR A 114 17.90 -14.11 -21.08
CA TYR A 114 18.00 -14.08 -22.53
C TYR A 114 16.66 -13.75 -23.18
N ASN A 115 15.57 -14.34 -22.67
CA ASN A 115 14.26 -14.07 -23.25
C ASN A 115 13.84 -12.63 -22.99
N ASP A 116 14.28 -12.06 -21.86
CA ASP A 116 13.92 -10.68 -21.55
C ASP A 116 14.51 -9.71 -22.56
N ASN A 117 15.76 -9.91 -22.95
CA ASN A 117 16.46 -9.02 -23.88
C ASN A 117 16.79 -9.81 -25.15
N GLN A 118 16.02 -9.57 -26.21
CA GLN A 118 16.20 -10.33 -27.44
C GLN A 118 17.45 -9.88 -28.20
N VAL A 119 17.72 -8.58 -28.23
CA VAL A 119 18.85 -8.05 -28.98
C VAL A 119 20.17 -8.58 -28.43
N PHE A 120 20.24 -8.83 -27.12
CA PHE A 120 21.44 -9.42 -26.55
C PHE A 120 21.74 -10.78 -27.16
N ALA A 121 20.72 -11.63 -27.27
CA ALA A 121 20.92 -12.91 -27.94
C ALA A 121 21.21 -12.72 -29.42
N LYS A 122 20.58 -11.73 -30.04
CA LYS A 122 20.73 -11.50 -31.47
C LYS A 122 22.14 -11.11 -31.88
N TYR A 123 22.61 -9.96 -31.41
CA TYR A 123 23.84 -9.35 -31.91
C TYR A 123 24.81 -9.05 -30.78
N ASN A 124 25.10 -10.07 -29.96
CA ASN A 124 26.01 -9.90 -28.84
C ASN A 124 27.45 -9.73 -29.32
N VAL A 125 28.27 -9.16 -28.43
CA VAL A 125 29.72 -9.11 -28.59
C VAL A 125 30.32 -8.89 -27.21
N SER A 126 31.35 -9.68 -26.88
CA SER A 126 31.94 -9.67 -25.56
C SER A 126 33.22 -8.85 -25.57
N ARG A 127 33.29 -7.84 -24.70
CA ARG A 127 34.49 -7.03 -24.54
C ARG A 127 35.27 -7.59 -23.35
N LEU A 128 36.42 -8.23 -23.63
CA LEU A 128 37.13 -8.98 -22.61
C LEU A 128 37.55 -8.09 -21.45
N GLN A 129 38.22 -6.98 -21.75
CA GLN A 129 38.76 -6.14 -20.68
C GLN A 129 37.68 -5.55 -19.77
N PRO A 130 36.64 -4.87 -20.28
CA PRO A 130 35.60 -4.37 -19.37
C PRO A 130 34.88 -5.47 -18.62
N TYR A 131 34.63 -6.60 -19.30
CA TYR A 131 33.94 -7.72 -18.67
C TYR A 131 34.71 -8.24 -17.46
N LEU A 132 36.01 -8.51 -17.65
CA LEU A 132 36.83 -8.99 -16.55
C LEU A 132 36.96 -7.94 -15.45
N LYS A 133 37.17 -6.68 -15.83
CA LYS A 133 37.37 -5.63 -14.83
C LYS A 133 36.14 -5.44 -13.96
N LEU A 134 34.95 -5.48 -14.56
CA LEU A 134 33.73 -5.30 -13.80
C LEU A 134 33.36 -6.58 -13.02
N ARG A 135 33.69 -7.75 -13.57
CA ARG A 135 33.45 -8.99 -12.86
C ARG A 135 34.27 -9.07 -11.58
N GLN A 136 35.51 -8.57 -11.62
CA GLN A 136 36.32 -8.55 -10.40
C GLN A 136 35.67 -7.70 -9.32
N ALA A 137 35.15 -6.53 -9.71
CA ALA A 137 34.48 -5.67 -8.74
C ALA A 137 33.23 -6.33 -8.17
N LEU A 138 32.46 -7.01 -9.01
CA LEU A 138 31.29 -7.73 -8.49
C LEU A 138 31.70 -8.84 -7.53
N LEU A 139 32.79 -9.56 -7.84
CA LEU A 139 33.24 -10.61 -6.95
C LEU A 139 33.68 -10.04 -5.61
N GLU A 140 34.33 -8.88 -5.62
CA GLU A 140 34.83 -8.31 -4.36
C GLU A 140 33.77 -7.52 -3.61
N LEU A 141 32.62 -7.25 -4.24
CA LEU A 141 31.65 -6.33 -3.67
C LEU A 141 31.04 -6.90 -2.40
N ARG A 142 30.74 -6.00 -1.44
CA ARG A 142 30.19 -6.28 -0.12
C ARG A 142 28.70 -5.96 -0.08
N PRO A 143 27.95 -6.57 0.85
CA PRO A 143 26.49 -6.38 0.85
C PRO A 143 26.03 -4.98 1.18
N ALA A 144 26.93 -4.02 1.40
CA ALA A 144 26.56 -2.64 1.66
C ALA A 144 27.14 -1.65 0.65
N LYS A 145 28.21 -2.02 -0.05
CA LYS A 145 28.85 -1.11 -1.00
C LYS A 145 28.10 -1.15 -2.33
N ASN A 146 28.65 -0.47 -3.33
CA ASN A 146 28.07 -0.49 -4.67
C ASN A 146 29.15 -0.08 -5.67
N VAL A 147 29.11 -0.69 -6.86
CA VAL A 147 30.05 -0.40 -7.92
C VAL A 147 29.35 0.44 -8.98
N LEU A 148 29.98 1.54 -9.40
CA LEU A 148 29.42 2.46 -10.36
C LEU A 148 30.19 2.39 -11.67
N ILE A 149 29.47 2.18 -12.77
CA ILE A 149 30.04 2.19 -14.11
C ILE A 149 29.45 3.37 -14.87
N ASP A 150 30.32 4.19 -15.44
CA ASP A 150 29.89 5.42 -16.10
C ASP A 150 30.58 5.55 -17.46
N GLY A 151 30.00 6.40 -18.30
CA GLY A 151 30.57 6.66 -19.61
C GLY A 151 29.67 7.59 -20.38
N VAL A 152 30.12 7.92 -21.60
CA VAL A 152 29.29 8.73 -22.49
C VAL A 152 28.00 7.98 -22.80
N LEU A 153 26.98 8.74 -23.23
CA LEU A 153 25.71 8.11 -23.58
C LEU A 153 25.94 7.07 -24.66
N GLY A 154 25.41 5.88 -24.42
CA GLY A 154 25.52 4.82 -25.39
C GLY A 154 26.92 4.27 -25.60
N SER A 155 27.74 4.27 -24.55
CA SER A 155 29.04 3.63 -24.63
C SER A 155 28.98 2.13 -24.39
N GLY A 156 27.80 1.54 -24.48
CA GLY A 156 27.63 0.12 -24.27
C GLY A 156 27.85 -0.35 -22.84
N LYS A 157 27.38 0.44 -21.86
CA LYS A 157 27.35 -0.05 -20.48
C LYS A 157 26.40 -1.22 -20.35
N THR A 158 25.30 -1.20 -21.11
CA THR A 158 24.35 -2.32 -21.10
C THR A 158 25.00 -3.60 -21.62
N TRP A 159 25.80 -3.49 -22.69
CA TRP A 159 26.57 -4.64 -23.16
C TRP A 159 27.22 -5.35 -22.00
N VAL A 160 28.11 -4.62 -21.31
CA VAL A 160 29.00 -5.22 -20.32
C VAL A 160 28.20 -5.66 -19.10
N ALA A 161 27.20 -4.87 -18.70
CA ALA A 161 26.37 -5.24 -17.55
C ALA A 161 25.67 -6.58 -17.78
N LEU A 162 24.98 -6.71 -18.91
CA LEU A 162 24.29 -7.96 -19.21
C LEU A 162 25.29 -9.11 -19.37
N ASP A 163 26.42 -8.85 -20.03
CA ASP A 163 27.41 -9.89 -20.25
C ASP A 163 27.97 -10.41 -18.94
N VAL A 164 28.29 -9.50 -18.01
CA VAL A 164 28.82 -9.88 -16.72
C VAL A 164 27.78 -10.66 -15.93
N CYS A 165 26.54 -10.18 -15.91
CA CYS A 165 25.50 -10.90 -15.16
C CYS A 165 25.16 -12.24 -15.78
N LEU A 166 25.47 -12.46 -17.05
CA LEU A 166 25.24 -13.77 -17.66
C LEU A 166 26.27 -14.81 -17.21
N SER A 167 27.41 -14.37 -16.67
CA SER A 167 28.43 -15.29 -16.23
C SER A 167 27.95 -16.10 -15.04
N TYR A 168 28.46 -17.33 -14.91
CA TYR A 168 27.99 -18.21 -13.85
C TYR A 168 28.51 -17.77 -12.49
N LYS A 169 29.75 -17.29 -12.42
CA LYS A 169 30.32 -16.94 -11.11
C LYS A 169 29.49 -15.86 -10.42
N VAL A 170 29.06 -14.86 -11.19
CA VAL A 170 28.22 -13.79 -10.62
C VAL A 170 26.92 -14.37 -10.10
N GLN A 171 26.26 -15.20 -10.90
CA GLN A 171 24.98 -15.78 -10.48
C GLN A 171 25.14 -16.63 -9.23
N CYS A 172 26.20 -17.43 -9.16
CA CYS A 172 26.46 -18.25 -7.99
C CYS A 172 26.70 -17.39 -6.75
N LYS A 173 27.47 -16.30 -6.91
CA LYS A 173 27.74 -15.46 -5.75
C LYS A 173 26.52 -14.63 -5.36
N MET A 174 25.68 -14.23 -6.32
CA MET A 174 24.41 -13.57 -6.02
C MET A 174 23.31 -14.56 -5.64
N ASP A 175 23.62 -15.85 -5.53
CA ASP A 175 22.64 -16.89 -5.16
C ASP A 175 21.46 -16.91 -6.13
N PHE A 176 21.74 -16.67 -7.41
CA PHE A 176 20.73 -16.68 -8.46
C PHE A 176 19.59 -15.70 -8.16
N LYS A 177 19.92 -14.55 -7.60
CA LYS A 177 18.95 -13.51 -7.24
C LYS A 177 19.49 -12.17 -7.73
N ILE A 178 19.19 -11.84 -8.99
CA ILE A 178 19.59 -10.58 -9.59
C ILE A 178 18.36 -9.92 -10.20
N PHE A 179 18.14 -8.66 -9.87
CA PHE A 179 16.95 -7.92 -10.29
C PHE A 179 17.38 -6.67 -11.04
N TRP A 180 16.97 -6.57 -12.30
CA TRP A 180 17.25 -5.38 -13.09
C TRP A 180 16.17 -4.34 -12.86
N LEU A 181 16.51 -3.07 -13.11
CA LEU A 181 15.54 -1.99 -13.00
C LEU A 181 16.04 -0.83 -13.86
N ASN A 182 15.30 -0.53 -14.92
CA ASN A 182 15.66 0.56 -15.82
C ASN A 182 15.15 1.88 -15.24
N LEU A 183 16.07 2.72 -14.78
CA LEU A 183 15.72 4.01 -14.19
C LEU A 183 15.71 5.12 -15.25
N LYS A 184 14.75 5.02 -16.16
CA LYS A 184 14.56 6.00 -17.21
C LYS A 184 13.24 6.73 -16.99
N ASN A 185 13.26 8.05 -17.23
CA ASN A 185 12.10 8.92 -16.99
C ASN A 185 11.61 8.80 -15.55
N CYS A 186 12.50 9.13 -14.61
CA CYS A 186 12.25 8.99 -13.18
C CYS A 186 12.68 10.25 -12.43
N ASN A 187 12.39 11.41 -13.01
CA ASN A 187 12.72 12.69 -12.39
C ASN A 187 11.55 13.27 -11.60
N SER A 188 10.57 12.42 -11.27
CA SER A 188 9.39 12.83 -10.53
C SER A 188 9.32 12.05 -9.23
N PRO A 189 8.79 12.65 -8.16
CA PRO A 189 8.74 11.95 -6.87
C PRO A 189 7.73 10.82 -6.79
N GLU A 190 7.05 10.51 -7.88
CA GLU A 190 6.01 9.49 -7.87
C GLU A 190 6.22 8.36 -8.86
N THR A 191 7.02 8.57 -9.91
CA THR A 191 7.44 7.44 -10.76
C THR A 191 8.35 6.49 -9.97
N VAL A 192 9.10 7.03 -9.01
CA VAL A 192 9.93 6.19 -8.16
C VAL A 192 9.07 5.20 -7.39
N LEU A 193 7.85 5.60 -7.02
CA LEU A 193 6.93 4.67 -6.38
C LEU A 193 6.57 3.53 -7.32
N GLU A 194 6.36 3.84 -8.60
CA GLU A 194 6.09 2.79 -9.59
C GLU A 194 7.28 1.85 -9.72
N MET A 195 8.50 2.39 -9.73
CA MET A 195 9.68 1.54 -9.82
C MET A 195 9.83 0.67 -8.58
N LEU A 196 9.53 1.21 -7.40
CA LEU A 196 9.55 0.41 -6.18
C LEU A 196 8.51 -0.70 -6.24
N GLN A 197 7.34 -0.41 -6.79
CA GLN A 197 6.33 -1.46 -6.96
C GLN A 197 6.82 -2.53 -7.93
N LYS A 198 7.52 -2.12 -8.98
CA LYS A 198 8.11 -3.09 -9.89
C LYS A 198 9.11 -3.98 -9.17
N LEU A 199 9.97 -3.38 -8.35
CA LEU A 199 10.96 -4.16 -7.61
C LEU A 199 10.27 -5.12 -6.64
N LEU A 200 9.20 -4.67 -5.99
CA LEU A 200 8.46 -5.56 -5.09
C LEU A 200 7.84 -6.73 -5.85
N TYR A 201 7.26 -6.46 -7.02
CA TYR A 201 6.69 -7.54 -7.81
C TYR A 201 7.77 -8.52 -8.27
N GLN A 202 8.95 -8.01 -8.61
CA GLN A 202 10.09 -8.88 -8.90
C GLN A 202 10.44 -9.71 -7.67
N ILE A 203 10.26 -9.14 -6.48
CA ILE A 203 10.54 -9.87 -5.24
C ILE A 203 9.50 -10.96 -5.02
N ASP A 204 8.23 -10.56 -4.87
CA ASP A 204 7.14 -11.50 -4.63
C ASP A 204 5.80 -10.79 -4.81
N PRO A 205 4.85 -11.40 -5.53
CA PRO A 205 3.54 -10.74 -5.76
C PRO A 205 2.62 -10.85 -4.53
N ASN A 206 2.98 -10.12 -3.49
CA ASN A 206 2.19 -10.09 -2.26
C ASN A 206 2.36 -8.73 -1.59
N TRP A 207 1.26 -8.03 -1.39
CA TRP A 207 1.32 -6.71 -0.78
C TRP A 207 -0.08 -6.36 -0.29
N THR A 208 -0.24 -6.16 1.02
CA THR A 208 -1.52 -5.77 1.59
C THR A 208 -1.72 -4.28 1.33
N SER A 209 -2.39 -3.97 0.23
CA SER A 209 -2.56 -2.59 -0.24
C SER A 209 -3.46 -1.75 0.66
N ARG A 210 -3.97 -2.26 1.78
CA ARG A 210 -4.84 -1.47 2.65
C ARG A 210 -4.13 -0.28 3.27
N SER A 211 -2.79 -0.26 3.25
CA SER A 211 -2.02 0.84 3.86
C SER A 211 -2.09 2.09 2.99
N ASP A 212 -3.28 2.68 2.95
CA ASP A 212 -3.52 3.90 2.18
C ASP A 212 -3.03 5.10 3.01
N HIS A 213 -1.72 5.35 2.92
CA HIS A 213 -1.12 6.46 3.62
C HIS A 213 -1.60 7.80 3.07
N SER A 214 -1.74 7.92 1.76
CA SER A 214 -2.12 9.17 1.10
C SER A 214 -1.21 10.31 1.53
N SER A 215 -1.79 11.42 1.96
CA SER A 215 -1.05 12.61 2.43
C SER A 215 -0.02 12.97 1.37
N ASN A 216 1.25 13.12 1.72
CA ASN A 216 2.31 13.31 0.74
C ASN A 216 2.75 11.93 0.27
N ILE A 217 2.99 11.79 -1.03
CA ILE A 217 3.42 10.52 -1.60
C ILE A 217 4.75 10.06 -1.04
N LYS A 218 5.59 11.01 -0.60
CA LYS A 218 6.88 10.67 0.00
C LYS A 218 6.70 9.69 1.16
N LEU A 219 5.63 9.84 1.94
CA LEU A 219 5.37 8.92 3.03
C LEU A 219 5.11 7.50 2.50
N ARG A 220 4.33 7.39 1.42
CA ARG A 220 4.06 6.08 0.86
C ARG A 220 5.33 5.44 0.29
N ILE A 221 6.19 6.24 -0.35
CA ILE A 221 7.43 5.68 -0.87
C ILE A 221 8.33 5.24 0.28
N HIS A 222 8.34 5.99 1.39
CA HIS A 222 9.10 5.56 2.55
C HIS A 222 8.54 4.25 3.13
N SER A 223 7.22 4.14 3.19
CA SER A 223 6.60 2.92 3.74
C SER A 223 6.92 1.71 2.88
N ILE A 224 6.84 1.86 1.55
CA ILE A 224 7.15 0.72 0.69
C ILE A 224 8.65 0.41 0.74
N GLN A 225 9.49 1.43 0.90
CA GLN A 225 10.91 1.19 1.12
C GLN A 225 11.14 0.36 2.37
N ALA A 226 10.45 0.70 3.47
CA ALA A 226 10.59 -0.05 4.70
C ALA A 226 10.11 -1.49 4.54
N GLU A 227 8.97 -1.67 3.85
CA GLU A 227 8.44 -3.01 3.65
C GLU A 227 9.40 -3.88 2.84
N LEU A 228 9.93 -3.33 1.74
CA LEU A 228 10.88 -4.10 0.93
C LEU A 228 12.20 -4.31 1.66
N ARG A 229 12.60 -3.36 2.51
CA ARG A 229 13.80 -3.56 3.32
C ARG A 229 13.62 -4.71 4.29
N ARG A 230 12.44 -4.80 4.91
CA ARG A 230 12.13 -5.95 5.76
C ARG A 230 12.13 -7.23 4.96
N LEU A 231 11.58 -7.21 3.75
CA LEU A 231 11.46 -8.41 2.94
C LEU A 231 12.80 -8.89 2.39
N LEU A 232 13.75 -7.98 2.16
CA LEU A 232 15.00 -8.36 1.52
C LEU A 232 16.03 -8.95 2.47
N LYS A 233 15.98 -8.59 3.75
CA LYS A 233 16.96 -9.10 4.72
C LYS A 233 16.53 -10.47 5.24
N SER A 234 16.37 -11.40 4.30
CA SER A 234 16.07 -12.79 4.59
C SER A 234 17.16 -13.67 3.99
N LYS A 235 17.34 -14.86 4.57
CA LYS A 235 18.41 -15.75 4.15
C LYS A 235 18.42 -16.05 2.65
N PRO A 236 17.31 -16.40 2.00
CA PRO A 236 17.34 -16.53 0.53
C PRO A 236 17.69 -15.23 -0.18
N TYR A 237 17.31 -14.09 0.40
CA TYR A 237 17.53 -12.78 -0.23
C TYR A 237 18.69 -12.02 0.42
N GLU A 238 19.50 -12.68 1.25
CA GLU A 238 20.51 -11.97 2.01
C GLU A 238 21.53 -11.29 1.09
N ASN A 239 22.01 -12.00 0.08
CA ASN A 239 22.88 -11.42 -0.94
C ASN A 239 22.13 -11.45 -2.27
N CYS A 240 21.97 -10.29 -2.88
CA CYS A 240 21.24 -10.19 -4.14
C CYS A 240 21.70 -8.94 -4.88
N LEU A 241 21.97 -9.10 -6.17
CA LEU A 241 22.33 -7.98 -7.02
C LEU A 241 21.06 -7.25 -7.47
N LEU A 242 21.06 -5.93 -7.33
CA LEU A 242 20.00 -5.11 -7.93
C LEU A 242 20.66 -4.03 -8.78
N VAL A 243 20.24 -3.94 -10.03
CA VAL A 243 20.91 -3.14 -11.04
C VAL A 243 20.02 -1.94 -11.38
N LEU A 244 20.60 -0.75 -11.30
CA LEU A 244 19.95 0.47 -11.73
C LEU A 244 20.52 0.89 -13.07
N LEU A 245 19.65 1.11 -14.05
CA LEU A 245 20.05 1.40 -15.43
C LEU A 245 19.78 2.87 -15.73
N ASN A 246 20.77 3.58 -16.26
CA ASN A 246 20.61 4.92 -16.80
C ASN A 246 19.98 5.86 -15.75
N VAL A 247 20.49 5.79 -14.52
CA VAL A 247 19.96 6.61 -13.44
C VAL A 247 20.07 8.08 -13.82
N GLN A 248 19.06 8.86 -13.42
CA GLN A 248 18.93 10.24 -13.87
C GLN A 248 19.58 11.22 -12.91
N ASN A 249 19.14 11.25 -11.66
CA ASN A 249 19.58 12.23 -10.69
C ASN A 249 19.91 11.54 -9.37
N ALA A 250 20.61 12.27 -8.50
CA ALA A 250 20.98 11.73 -7.20
C ALA A 250 19.76 11.44 -6.35
N LYS A 251 18.66 12.16 -6.57
CA LYS A 251 17.45 11.94 -5.79
C LYS A 251 16.94 10.52 -5.99
N ALA A 252 16.99 10.00 -7.22
CA ALA A 252 16.63 8.62 -7.45
C ALA A 252 17.53 7.67 -6.68
N TRP A 253 18.83 7.99 -6.60
CA TRP A 253 19.75 7.13 -5.85
C TRP A 253 19.41 7.12 -4.37
N ASN A 254 19.10 8.29 -3.79
CA ASN A 254 18.69 8.33 -2.39
C ASN A 254 17.39 7.57 -2.17
N ALA A 255 16.46 7.66 -3.13
CA ALA A 255 15.25 6.85 -3.05
C ALA A 255 15.52 5.38 -3.34
N PHE A 256 16.71 5.02 -3.80
CA PHE A 256 17.01 3.66 -4.24
C PHE A 256 18.21 3.04 -3.54
N ASN A 257 18.76 3.67 -2.50
CA ASN A 257 19.76 2.99 -1.68
C ASN A 257 19.05 2.12 -0.64
N LEU A 258 19.29 0.81 -0.70
CA LEU A 258 18.54 -0.16 0.10
C LEU A 258 19.45 -0.99 1.00
N SER A 259 20.70 -0.58 1.20
CA SER A 259 21.67 -1.34 1.98
C SER A 259 21.83 -2.75 1.41
N CYS A 260 21.76 -2.87 0.09
CA CYS A 260 21.86 -4.13 -0.62
C CYS A 260 23.07 -4.11 -1.53
N LYS A 261 23.31 -5.25 -2.19
CA LYS A 261 24.31 -5.33 -3.24
C LYS A 261 23.72 -4.70 -4.51
N ILE A 262 23.84 -3.38 -4.56
CA ILE A 262 23.31 -2.62 -5.68
C ILE A 262 24.46 -2.21 -6.59
N LEU A 263 24.14 -2.01 -7.86
CA LEU A 263 25.10 -1.38 -8.75
C LEU A 263 24.33 -0.56 -9.77
N LEU A 264 24.83 0.65 -10.03
CA LEU A 264 24.15 1.59 -10.90
C LEU A 264 25.06 1.95 -12.07
N THR A 265 24.46 2.04 -13.26
CA THR A 265 25.16 2.54 -14.45
C THR A 265 24.52 3.88 -14.79
N THR A 266 25.37 4.89 -14.98
CA THR A 266 24.93 6.25 -15.20
C THR A 266 25.67 6.87 -16.39
N ARG A 267 25.18 8.03 -16.81
CA ARG A 267 25.84 8.80 -17.86
C ARG A 267 26.02 10.28 -17.53
N PHE A 268 25.27 10.82 -16.57
CA PHE A 268 25.44 12.22 -16.18
C PHE A 268 26.61 12.37 -15.22
N LYS A 269 27.45 13.37 -15.48
CA LYS A 269 28.64 13.58 -14.66
C LYS A 269 28.27 14.02 -13.24
N GLN A 270 27.15 14.72 -13.08
CA GLN A 270 26.76 15.20 -11.75
C GLN A 270 26.48 14.04 -10.79
N VAL A 271 25.97 12.93 -11.30
CA VAL A 271 25.79 11.74 -10.46
C VAL A 271 27.14 11.24 -9.96
N THR A 272 28.14 11.23 -10.85
CA THR A 272 29.49 10.84 -10.44
C THR A 272 30.04 11.81 -9.39
N ASP A 273 29.78 13.11 -9.56
CA ASP A 273 30.24 14.08 -8.56
C ASP A 273 29.60 13.83 -7.21
N PHE A 274 28.29 13.58 -7.19
CA PHE A 274 27.61 13.30 -5.93
C PHE A 274 28.11 12.01 -5.30
N LEU A 275 28.34 10.99 -6.12
CA LEU A 275 28.74 9.68 -5.61
C LEU A 275 30.09 9.78 -4.91
N SER A 276 30.19 9.21 -3.71
CA SER A 276 31.42 9.23 -2.93
C SER A 276 32.29 8.04 -3.33
N ALA A 277 33.44 8.33 -3.94
CA ALA A 277 34.32 7.27 -4.42
C ALA A 277 34.89 6.43 -3.28
N ALA A 278 34.90 6.95 -2.05
CA ALA A 278 35.40 6.18 -0.92
C ALA A 278 34.56 4.95 -0.66
N THR A 279 33.23 5.10 -0.68
CA THR A 279 32.32 4.00 -0.40
C THR A 279 31.85 3.28 -1.66
N THR A 280 32.20 3.77 -2.85
CA THR A 280 31.76 3.17 -4.10
C THR A 280 32.94 3.08 -5.05
N THR A 281 33.25 1.87 -5.51
CA THR A 281 34.27 1.71 -6.53
C THR A 281 33.78 2.31 -7.84
N HIS A 282 34.74 2.80 -8.64
CA HIS A 282 34.43 3.54 -9.86
C HIS A 282 34.90 2.73 -11.07
N ILE A 283 34.02 2.56 -12.05
CA ILE A 283 34.34 1.91 -13.30
C ILE A 283 34.06 2.90 -14.42
N SER A 284 35.04 3.13 -15.29
CA SER A 284 34.95 4.14 -16.33
C SER A 284 35.12 3.51 -17.69
N LEU A 285 34.18 3.79 -18.61
CA LEU A 285 34.30 3.35 -19.99
C LEU A 285 34.91 4.40 -20.90
N ASP A 286 35.16 5.61 -20.40
CA ASP A 286 35.79 6.65 -21.20
C ASP A 286 37.30 6.51 -21.26
N HIS A 287 37.88 5.60 -20.48
CA HIS A 287 39.32 5.42 -20.47
C HIS A 287 39.81 4.95 -21.84
N HIS A 288 41.00 5.42 -22.22
CA HIS A 288 41.53 5.07 -23.53
C HIS A 288 41.78 3.58 -23.66
N SER A 289 42.27 2.94 -22.59
CA SER A 289 42.41 1.50 -22.59
C SER A 289 41.06 0.80 -22.49
N MET A 290 40.04 1.49 -21.99
CA MET A 290 38.72 0.89 -21.77
C MET A 290 37.81 1.22 -22.95
N THR A 291 38.11 0.63 -24.10
CA THR A 291 37.37 0.97 -25.31
C THR A 291 37.43 -0.20 -26.28
N LEU A 292 36.61 -0.11 -27.33
CA LEU A 292 36.55 -1.15 -28.35
C LEU A 292 37.85 -1.18 -29.14
N THR A 293 38.57 -2.30 -29.05
CA THR A 293 39.76 -2.49 -29.87
C THR A 293 39.38 -2.68 -31.33
N PRO A 294 40.32 -2.44 -32.25
CA PRO A 294 40.03 -2.70 -33.67
C PRO A 294 39.57 -4.12 -33.94
N ASP A 295 40.14 -5.11 -33.24
CA ASP A 295 39.61 -6.47 -33.34
C ASP A 295 38.16 -6.52 -32.91
N GLU A 296 37.83 -5.86 -31.79
CA GLU A 296 36.45 -5.75 -31.37
C GLU A 296 35.63 -4.96 -32.39
N VAL A 297 36.28 -4.01 -33.07
CA VAL A 297 35.60 -3.24 -34.11
C VAL A 297 35.13 -4.16 -35.23
N LYS A 298 36.04 -5.00 -35.76
CA LYS A 298 35.64 -5.90 -36.82
C LYS A 298 34.68 -6.97 -36.32
N SER A 299 34.80 -7.38 -35.06
CA SER A 299 33.85 -8.34 -34.51
C SER A 299 32.44 -7.76 -34.51
N LEU A 300 32.28 -6.53 -34.03
CA LEU A 300 30.97 -5.91 -34.00
C LEU A 300 30.45 -5.66 -35.42
N LEU A 301 31.33 -5.26 -36.33
CA LEU A 301 30.90 -5.04 -37.71
C LEU A 301 30.48 -6.34 -38.38
N LEU A 302 31.13 -7.45 -38.05
CA LEU A 302 30.85 -8.75 -38.66
C LEU A 302 29.81 -9.56 -37.90
N LYS A 303 29.28 -9.03 -36.79
CA LYS A 303 28.28 -9.77 -36.02
C LYS A 303 27.14 -10.26 -36.90
N TYR A 304 26.56 -9.37 -37.72
CA TYR A 304 25.52 -9.83 -38.63
C TYR A 304 25.59 -9.22 -40.02
N LEU A 305 26.68 -8.52 -40.38
CA LEU A 305 26.88 -8.17 -41.78
C LEU A 305 27.26 -9.39 -42.61
N ASP A 306 28.10 -10.26 -42.05
CA ASP A 306 28.45 -11.55 -42.66
C ASP A 306 29.08 -11.36 -44.04
N CYS A 307 30.19 -10.65 -44.07
CA CYS A 307 30.94 -10.43 -45.29
C CYS A 307 32.42 -10.64 -45.04
N ARG A 308 33.11 -11.26 -46.00
CA ARG A 308 34.53 -11.54 -45.85
C ARG A 308 35.33 -10.25 -45.85
N PRO A 309 35.33 -9.49 -46.94
CA PRO A 309 36.10 -8.24 -46.96
C PRO A 309 35.32 -7.06 -46.40
N GLN A 310 35.81 -6.48 -45.30
CA GLN A 310 35.19 -5.30 -44.71
C GLN A 310 36.23 -4.30 -44.24
N ASP A 311 37.47 -4.39 -44.74
CA ASP A 311 38.53 -3.49 -44.33
C ASP A 311 38.27 -2.04 -44.73
N LEU A 312 37.36 -1.80 -45.66
CA LEU A 312 37.00 -0.43 -45.99
C LEU A 312 36.48 0.36 -44.79
N PRO A 313 35.90 -0.28 -43.76
CA PRO A 313 35.42 0.49 -42.61
C PRO A 313 36.55 0.81 -41.62
N ARG A 314 37.80 0.72 -42.08
CA ARG A 314 38.93 1.08 -41.24
C ARG A 314 38.86 2.54 -40.83
N GLU A 315 39.28 2.80 -39.59
CA GLU A 315 39.29 4.14 -38.99
C GLU A 315 37.89 4.72 -38.81
N VAL A 316 36.87 3.86 -38.71
CA VAL A 316 35.52 4.31 -38.37
C VAL A 316 35.48 4.50 -36.86
N LEU A 317 34.41 5.13 -36.38
CA LEU A 317 34.42 5.47 -34.97
C LEU A 317 34.46 4.31 -33.99
N THR A 318 35.65 3.83 -33.73
CA THR A 318 35.94 2.77 -32.77
C THR A 318 35.56 3.26 -31.44
N THR A 319 35.83 4.53 -31.21
CA THR A 319 35.46 5.11 -29.96
C THR A 319 34.02 4.80 -29.82
N ASN A 320 33.30 4.90 -30.92
CA ASN A 320 31.89 4.67 -30.83
C ASN A 320 31.73 3.33 -30.24
N PRO A 321 30.75 3.18 -29.39
CA PRO A 321 30.46 1.87 -28.81
C PRO A 321 29.77 1.19 -29.91
N ARG A 322 29.81 1.82 -31.07
CA ARG A 322 29.20 1.25 -32.25
C ARG A 322 27.73 1.32 -32.03
N ARG A 323 27.35 1.86 -30.88
CA ARG A 323 25.97 2.09 -30.69
C ARG A 323 25.79 2.93 -31.89
N LEU A 324 26.79 3.75 -32.16
CA LEU A 324 26.75 4.54 -33.34
C LEU A 324 26.83 3.60 -34.53
N SER A 325 27.68 2.60 -34.46
CA SER A 325 27.86 1.75 -35.62
C SER A 325 26.56 1.13 -36.04
N ILE A 326 25.88 0.48 -35.13
CA ILE A 326 24.65 -0.16 -35.41
C ILE A 326 23.94 0.82 -36.28
N ILE A 327 23.95 2.08 -35.90
CA ILE A 327 23.35 3.02 -36.85
C ILE A 327 23.95 2.70 -38.20
N ALA A 328 25.24 2.94 -38.37
CA ALA A 328 25.91 2.65 -39.61
C ALA A 328 25.55 1.26 -40.18
N GLU A 329 25.43 0.23 -39.34
CA GLU A 329 25.12 -1.08 -39.95
C GLU A 329 23.68 -1.17 -40.44
N SER A 330 22.82 -0.50 -39.73
CA SER A 330 21.45 -0.48 -40.14
C SER A 330 21.41 0.23 -41.46
N ILE A 331 22.23 1.24 -41.64
CA ILE A 331 22.24 1.85 -42.97
C ILE A 331 22.72 0.83 -43.97
N ARG A 332 23.84 0.19 -43.71
CA ARG A 332 24.27 -0.87 -44.60
C ARG A 332 23.13 -1.79 -45.05
N ALA A 333 22.19 -2.19 -44.20
CA ALA A 333 21.07 -3.02 -44.78
C ALA A 333 20.14 -2.23 -45.72
N GLY A 334 20.65 -1.59 -46.76
CA GLY A 334 19.95 -0.58 -47.54
C GLY A 334 20.93 0.31 -48.28
N LEU A 335 21.51 1.28 -47.60
CA LEU A 335 22.48 2.17 -48.23
C LEU A 335 23.90 1.60 -48.15
N ALA A 336 24.70 1.75 -49.21
CA ALA A 336 26.05 1.12 -49.26
C ALA A 336 27.12 1.60 -48.26
N THR A 337 28.15 0.78 -48.04
CA THR A 337 29.24 1.18 -47.15
C THR A 337 29.77 2.40 -47.78
N TRP A 338 29.81 2.38 -49.09
CA TRP A 338 30.21 3.64 -49.70
C TRP A 338 29.31 4.76 -49.21
N ASP A 339 29.86 5.98 -49.19
CA ASP A 339 29.30 7.21 -48.66
C ASP A 339 29.23 7.19 -47.13
N ASN A 340 29.53 6.08 -46.47
CA ASN A 340 29.64 6.06 -45.02
C ASN A 340 31.06 6.35 -44.55
N TRP A 341 32.06 6.07 -45.38
CA TRP A 341 33.37 6.65 -45.15
C TRP A 341 33.30 8.17 -45.27
N LYS A 342 32.44 8.65 -46.16
CA LYS A 342 32.14 10.08 -46.22
C LYS A 342 31.43 10.56 -44.96
N HIS A 343 30.52 9.75 -44.41
CA HIS A 343 29.75 10.11 -43.23
C HIS A 343 30.63 10.37 -42.00
N VAL A 344 31.94 10.15 -42.11
CA VAL A 344 32.85 10.38 -41.00
C VAL A 344 32.94 11.84 -40.61
N ASN A 345 32.41 12.75 -41.43
CA ASN A 345 32.45 14.18 -41.08
C ASN A 345 31.66 14.36 -39.79
N CYS A 346 32.32 14.83 -38.75
CA CYS A 346 31.67 15.04 -37.45
C CYS A 346 31.02 13.74 -36.96
N ASP A 347 31.76 12.63 -37.12
CA ASP A 347 31.22 11.32 -36.80
C ASP A 347 30.85 11.22 -35.32
N LYS A 348 31.65 11.84 -34.45
CA LYS A 348 31.34 11.81 -33.03
C LYS A 348 30.01 12.50 -32.74
N LEU A 349 29.79 13.67 -33.33
CA LEU A 349 28.50 14.34 -33.20
C LEU A 349 27.44 13.65 -34.04
N THR A 350 26.19 13.98 -33.78
CA THR A 350 25.04 13.33 -34.41
C THR A 350 24.74 13.85 -35.80
N THR A 351 25.67 14.49 -36.50
CA THR A 351 25.43 14.82 -37.91
C THR A 351 25.27 13.56 -38.74
N ILE A 352 25.82 12.44 -38.27
CA ILE A 352 25.54 11.15 -38.90
C ILE A 352 24.05 10.83 -38.81
N ILE A 353 23.40 11.22 -37.71
CA ILE A 353 21.96 11.01 -37.58
C ILE A 353 21.22 11.82 -38.63
N GLU A 354 21.72 13.01 -38.95
CA GLU A 354 21.15 13.80 -40.04
C GLU A 354 21.22 13.02 -41.34
N SER A 355 22.35 12.38 -41.58
CA SER A 355 22.47 11.48 -42.73
C SER A 355 21.61 10.24 -42.52
N SER A 356 21.50 9.44 -43.58
CA SER A 356 20.63 8.27 -43.67
C SER A 356 19.16 8.69 -43.60
N LEU A 357 18.92 10.00 -43.52
CA LEU A 357 17.58 10.58 -43.62
C LEU A 357 17.39 11.38 -44.90
N ASN A 358 18.38 12.20 -45.27
CA ASN A 358 18.38 12.78 -46.61
C ASN A 358 18.64 11.72 -47.67
N VAL A 359 19.39 10.68 -47.31
CA VAL A 359 19.59 9.55 -48.22
C VAL A 359 18.28 8.79 -48.43
N LEU A 360 17.39 8.82 -47.44
CA LEU A 360 16.06 8.26 -47.61
C LEU A 360 15.34 9.01 -48.72
N GLU A 361 14.47 8.29 -49.44
CA GLU A 361 13.75 8.80 -50.62
C GLU A 361 13.24 10.21 -50.37
N PRO A 362 13.73 11.19 -51.13
CA PRO A 362 13.49 12.60 -50.79
C PRO A 362 12.32 13.27 -51.51
N ALA A 363 11.44 12.50 -52.16
CA ALA A 363 10.30 13.10 -52.83
C ALA A 363 9.44 13.87 -51.83
N GLU A 364 8.81 13.15 -50.90
CA GLU A 364 8.06 13.80 -49.83
C GLU A 364 8.33 13.19 -48.46
N TYR A 365 9.06 12.08 -48.36
CA TYR A 365 9.21 11.38 -47.09
C TYR A 365 9.96 12.19 -46.04
N ARG A 366 10.75 13.19 -46.45
CA ARG A 366 11.46 14.00 -45.48
C ARG A 366 10.49 14.75 -44.57
N LYS A 367 9.70 15.66 -45.15
CA LYS A 367 8.67 16.34 -44.38
C LYS A 367 7.65 15.36 -43.83
N MET A 368 7.38 14.29 -44.57
CA MET A 368 6.35 13.33 -44.16
C MET A 368 6.73 12.68 -42.84
N PHE A 369 8.02 12.34 -42.66
CA PHE A 369 8.51 11.85 -41.39
C PHE A 369 8.65 12.99 -40.37
N ASP A 370 9.09 14.16 -40.82
CA ASP A 370 9.29 15.28 -39.90
C ASP A 370 7.98 15.68 -39.21
N ARG A 371 6.84 15.32 -39.81
CA ARG A 371 5.55 15.55 -39.16
C ARG A 371 5.44 14.84 -37.82
N LEU A 372 6.25 13.81 -37.58
CA LEU A 372 6.18 13.01 -36.36
C LEU A 372 6.85 13.68 -35.16
N SER A 373 7.19 14.97 -35.27
CA SER A 373 7.78 15.68 -34.14
C SER A 373 6.71 16.17 -33.17
N VAL A 374 5.47 16.31 -33.63
CA VAL A 374 4.41 16.85 -32.79
C VAL A 374 4.08 15.89 -31.65
N PHE A 375 4.18 14.59 -31.88
CA PHE A 375 3.80 13.62 -30.88
C PHE A 375 4.78 13.65 -29.71
N PRO A 376 4.32 13.33 -28.49
CA PRO A 376 5.25 13.24 -27.37
C PRO A 376 6.25 12.13 -27.59
N PRO A 377 7.48 12.30 -27.10
CA PRO A 377 8.51 11.28 -27.32
C PRO A 377 8.17 9.96 -26.65
N SER A 378 8.53 8.87 -27.31
CA SER A 378 8.34 7.51 -26.81
C SER A 378 6.88 7.26 -26.44
N ALA A 379 6.00 7.42 -27.44
CA ALA A 379 4.57 7.25 -27.25
C ALA A 379 4.01 6.34 -28.34
N HIS A 380 3.02 5.53 -27.97
CA HIS A 380 2.35 4.63 -28.91
C HIS A 380 1.30 5.42 -29.68
N ILE A 381 1.54 5.59 -30.98
CA ILE A 381 0.73 6.44 -31.84
C ILE A 381 -0.30 5.60 -32.58
N PRO A 382 -1.59 5.90 -32.45
CA PRO A 382 -2.58 5.19 -33.28
C PRO A 382 -2.37 5.49 -34.75
N THR A 383 -2.55 4.47 -35.59
CA THR A 383 -2.36 4.65 -37.03
C THR A 383 -3.48 5.50 -37.63
N ILE A 384 -4.68 5.40 -37.07
CA ILE A 384 -5.80 6.20 -37.57
C ILE A 384 -5.50 7.69 -37.42
N LEU A 385 -5.04 8.10 -36.25
CA LEU A 385 -4.66 9.50 -36.05
C LEU A 385 -3.47 9.85 -36.92
N LEU A 386 -2.54 8.91 -37.11
CA LEU A 386 -1.40 9.14 -37.97
C LEU A 386 -1.84 9.42 -39.40
N SER A 387 -2.99 8.89 -39.80
CA SER A 387 -3.51 9.19 -41.14
C SER A 387 -3.83 10.67 -41.29
N LEU A 388 -4.53 11.26 -40.30
CA LEU A 388 -4.87 12.67 -40.39
C LEU A 388 -3.69 13.59 -40.12
N ILE A 389 -2.74 13.19 -39.28
CA ILE A 389 -1.56 14.03 -39.08
C ILE A 389 -0.72 14.13 -40.34
N TRP A 390 -1.00 13.30 -41.34
CA TRP A 390 -0.30 13.33 -42.61
C TRP A 390 -1.17 13.77 -43.77
N PHE A 391 -2.46 14.05 -43.54
CA PHE A 391 -3.44 14.22 -44.61
C PHE A 391 -3.18 15.43 -45.49
N ASP A 392 -2.10 16.18 -45.27
CA ASP A 392 -1.79 17.30 -46.15
C ASP A 392 -1.45 16.82 -47.56
N VAL A 393 -0.58 15.82 -47.68
CA VAL A 393 -0.18 15.30 -48.99
C VAL A 393 -0.43 13.81 -49.10
N ILE A 394 0.24 13.01 -48.27
CA ILE A 394 0.25 11.56 -48.35
C ILE A 394 0.57 11.12 -49.78
N LYS A 395 -0.43 11.19 -50.66
CA LYS A 395 -0.31 10.76 -52.06
C LYS A 395 0.15 9.31 -52.14
N SER A 396 -0.34 8.49 -51.22
CA SER A 396 -0.01 7.07 -51.15
C SER A 396 -1.00 6.41 -50.19
N ASP A 397 -0.73 5.17 -49.83
CA ASP A 397 -1.46 4.50 -48.76
C ASP A 397 -0.69 4.63 -47.46
N VAL A 398 -1.41 4.89 -46.37
CA VAL A 398 -0.77 5.14 -45.08
C VAL A 398 0.07 3.94 -44.66
N MET A 399 -0.49 2.74 -44.76
CA MET A 399 0.25 1.54 -44.38
C MET A 399 1.45 1.29 -45.28
N VAL A 400 1.39 1.70 -46.55
CA VAL A 400 2.54 1.50 -47.44
C VAL A 400 3.73 2.33 -46.97
N VAL A 401 3.49 3.62 -46.70
CA VAL A 401 4.58 4.46 -46.22
C VAL A 401 5.02 4.04 -44.83
N VAL A 402 4.09 3.53 -44.00
CA VAL A 402 4.48 2.99 -42.70
C VAL A 402 5.41 1.80 -42.89
N ASN A 403 5.10 0.93 -43.86
CA ASN A 403 5.94 -0.23 -44.12
C ASN A 403 7.33 0.19 -44.57
N LYS A 404 7.41 1.19 -45.46
CA LYS A 404 8.73 1.67 -45.88
C LYS A 404 9.49 2.30 -44.72
N LEU A 405 8.79 3.07 -43.88
CA LEU A 405 9.42 3.67 -42.71
C LEU A 405 10.00 2.61 -41.79
N HIS A 406 9.25 1.53 -41.56
CA HIS A 406 9.78 0.41 -40.80
C HIS A 406 10.94 -0.24 -41.52
N LYS A 407 10.88 -0.32 -42.84
CA LYS A 407 11.92 -0.98 -43.61
C LYS A 407 13.26 -0.28 -43.42
N TYR A 408 13.28 1.05 -43.52
CA TYR A 408 14.59 1.70 -43.41
C TYR A 408 15.24 1.56 -42.04
N SER A 409 14.79 2.31 -41.03
CA SER A 409 15.30 2.08 -39.69
C SER A 409 14.32 2.39 -38.56
N LEU A 410 13.27 3.17 -38.86
CA LEU A 410 12.71 4.08 -37.86
C LEU A 410 11.25 3.82 -37.54
N VAL A 411 10.81 2.55 -37.59
CA VAL A 411 9.49 2.15 -37.13
C VAL A 411 9.57 0.70 -36.67
N GLU A 412 8.98 0.40 -35.51
CA GLU A 412 8.88 -0.98 -35.07
C GLU A 412 7.50 -1.58 -35.31
N LYS A 413 6.45 -0.75 -35.35
CA LYS A 413 5.13 -1.14 -35.84
C LYS A 413 4.57 -2.33 -35.05
N GLN A 414 4.26 -2.06 -33.78
CA GLN A 414 3.59 -3.07 -32.96
C GLN A 414 2.21 -3.37 -33.53
N PRO A 415 1.97 -4.57 -34.07
CA PRO A 415 0.71 -4.83 -34.78
C PRO A 415 -0.42 -5.39 -33.94
N LYS A 416 -0.20 -5.66 -32.65
CA LYS A 416 -1.26 -6.24 -31.82
C LYS A 416 -2.46 -5.29 -31.74
N GLU A 417 -2.19 -4.00 -31.55
CA GLU A 417 -3.23 -2.98 -31.54
C GLU A 417 -3.07 -1.98 -32.69
N SER A 418 -2.25 -2.30 -33.68
CA SER A 418 -2.03 -1.45 -34.85
C SER A 418 -1.55 -0.07 -34.43
N THR A 419 -0.39 -0.03 -33.77
CA THR A 419 0.18 1.20 -33.26
C THR A 419 1.59 1.39 -33.80
N ILE A 420 1.90 2.62 -34.17
CA ILE A 420 3.25 3.04 -34.52
C ILE A 420 4.00 3.35 -33.24
N SER A 421 5.29 3.00 -33.20
CA SER A 421 6.14 3.33 -32.07
C SER A 421 7.31 4.15 -32.57
N ILE A 422 7.60 5.25 -31.87
CA ILE A 422 8.72 6.11 -32.25
C ILE A 422 9.98 5.60 -31.56
N PRO A 423 11.04 5.28 -32.30
CA PRO A 423 12.30 4.87 -31.65
C PRO A 423 12.87 5.98 -30.78
N SER A 424 13.88 5.66 -29.98
CA SER A 424 14.36 6.61 -28.96
C SER A 424 15.88 6.70 -28.99
N ILE A 425 16.45 6.87 -30.18
CA ILE A 425 17.89 7.07 -30.27
C ILE A 425 18.21 8.27 -31.15
N TYR A 426 17.26 8.71 -31.99
CA TYR A 426 17.49 9.98 -32.69
C TYR A 426 16.33 10.97 -32.54
N LEU A 427 15.08 10.50 -32.50
CA LEU A 427 13.96 11.42 -32.55
C LEU A 427 13.85 12.31 -31.31
N GLU A 428 14.65 12.06 -30.28
CA GLU A 428 14.80 13.06 -29.24
C GLU A 428 15.56 14.27 -29.74
N LEU A 429 16.34 14.10 -30.82
CA LEU A 429 17.19 15.14 -31.37
C LEU A 429 16.80 15.46 -32.81
N LYS A 430 17.03 16.72 -33.19
CA LYS A 430 16.86 17.23 -34.55
C LYS A 430 15.39 17.39 -34.93
N VAL A 431 14.48 16.92 -34.07
CA VAL A 431 13.06 17.13 -34.33
C VAL A 431 12.64 18.59 -34.21
N LYS A 432 13.44 19.40 -33.52
CA LYS A 432 13.16 20.82 -33.39
C LYS A 432 13.18 21.49 -34.77
N LEU A 433 14.36 21.52 -35.40
CA LEU A 433 14.56 22.20 -36.68
C LEU A 433 13.85 23.55 -36.70
N GLU A 434 12.97 23.74 -37.67
CA GLU A 434 12.06 24.87 -37.69
C GLU A 434 10.65 24.47 -37.24
N ASN A 435 10.48 23.22 -36.78
CA ASN A 435 9.18 22.67 -36.43
C ASN A 435 8.20 22.81 -37.60
N GLU A 436 8.73 22.60 -38.81
CA GLU A 436 8.05 22.87 -40.08
C GLU A 436 7.16 24.10 -39.98
N TYR A 437 5.92 24.00 -40.45
CA TYR A 437 4.90 24.99 -40.20
C TYR A 437 3.61 24.24 -39.86
N ALA A 438 2.51 24.97 -39.74
CA ALA A 438 1.18 24.39 -39.52
C ALA A 438 1.12 23.54 -38.26
N LEU A 439 2.04 23.77 -37.31
CA LEU A 439 2.05 22.96 -36.09
C LEU A 439 0.75 23.15 -35.31
N HIS A 440 0.32 24.40 -35.13
CA HIS A 440 -0.87 24.64 -34.32
C HIS A 440 -2.13 24.12 -34.99
N ARG A 441 -2.24 24.22 -36.32
CA ARG A 441 -3.41 23.65 -36.97
C ARG A 441 -3.30 22.13 -37.09
N SER A 442 -2.08 21.58 -37.10
CA SER A 442 -1.94 20.13 -36.98
C SER A 442 -2.48 19.64 -35.64
N ILE A 443 -2.15 20.34 -34.55
CA ILE A 443 -2.72 19.98 -33.26
C ILE A 443 -4.21 20.29 -33.22
N VAL A 444 -4.65 21.26 -34.02
CA VAL A 444 -6.09 21.51 -34.15
C VAL A 444 -6.78 20.28 -34.74
N ASP A 445 -6.20 19.70 -35.78
CA ASP A 445 -6.73 18.45 -36.32
C ASP A 445 -6.67 17.34 -35.28
N HIS A 446 -5.60 17.31 -34.49
CA HIS A 446 -5.47 16.33 -33.41
C HIS A 446 -6.65 16.40 -32.45
N TYR A 447 -6.94 17.60 -31.94
CA TYR A 447 -8.07 17.75 -31.02
C TYR A 447 -9.40 17.71 -31.75
N ASN A 448 -9.40 17.83 -33.08
CA ASN A 448 -10.63 17.74 -33.84
C ASN A 448 -11.10 16.31 -33.97
N ILE A 449 -10.18 15.37 -34.17
CA ILE A 449 -10.56 13.99 -34.45
C ILE A 449 -11.40 13.36 -33.34
N PRO A 450 -11.29 13.76 -32.04
CA PRO A 450 -12.28 13.26 -31.07
C PRO A 450 -13.45 14.22 -30.89
N LYS A 451 -13.31 15.44 -31.41
CA LYS A 451 -14.29 16.51 -31.26
C LYS A 451 -14.77 16.60 -29.80
N THR A 452 -13.83 16.90 -28.91
CA THR A 452 -14.05 16.77 -27.47
C THR A 452 -14.97 17.88 -26.96
N PHE A 453 -16.22 17.88 -27.44
CA PHE A 453 -17.26 18.73 -26.89
C PHE A 453 -18.56 17.97 -26.67
N ASP A 454 -18.62 16.69 -27.02
CA ASP A 454 -19.84 15.88 -26.91
C ASP A 454 -19.65 14.86 -25.79
N SER A 455 -20.54 14.91 -24.81
CA SER A 455 -20.56 13.94 -23.72
C SER A 455 -22.01 13.74 -23.29
N ASP A 456 -22.53 12.54 -23.50
CA ASP A 456 -23.95 12.27 -23.29
C ASP A 456 -24.24 11.28 -22.17
N ASP A 457 -23.50 10.18 -22.09
CA ASP A 457 -23.77 9.17 -21.07
C ASP A 457 -22.54 8.30 -20.89
N LEU A 458 -21.97 8.31 -19.68
CA LEU A 458 -20.82 7.47 -19.30
C LEU A 458 -19.69 7.72 -20.30
N ILE A 459 -19.19 6.71 -20.99
CA ILE A 459 -17.97 6.80 -21.77
C ILE A 459 -18.32 6.73 -23.25
N PRO A 460 -17.95 7.74 -24.04
CA PRO A 460 -18.24 7.71 -25.48
C PRO A 460 -17.12 7.00 -26.23
N PRO A 461 -17.22 6.88 -27.55
CA PRO A 461 -16.07 6.39 -28.32
C PRO A 461 -14.84 7.26 -28.08
N TYR A 462 -13.76 6.60 -27.68
CA TYR A 462 -12.54 7.29 -27.28
C TYR A 462 -11.37 6.31 -27.32
N LEU A 463 -10.34 6.63 -28.10
CA LEU A 463 -9.22 5.72 -28.25
C LEU A 463 -8.54 5.48 -26.91
N ASP A 464 -8.30 4.20 -26.60
CA ASP A 464 -8.01 3.78 -25.24
C ASP A 464 -6.65 4.28 -24.77
N GLN A 465 -5.62 4.17 -25.61
CA GLN A 465 -4.26 4.40 -25.15
C GLN A 465 -3.83 5.85 -25.29
N TYR A 466 -3.82 6.37 -26.52
CA TYR A 466 -3.26 7.70 -26.75
C TYR A 466 -4.09 8.79 -26.09
N PHE A 467 -5.40 8.76 -26.29
CA PHE A 467 -6.23 9.90 -25.90
C PHE A 467 -6.51 9.94 -24.41
N TYR A 468 -6.10 8.93 -23.64
CA TYR A 468 -6.14 8.99 -22.20
C TYR A 468 -4.77 9.23 -21.58
N SER A 469 -3.70 9.13 -22.36
CA SER A 469 -2.34 9.21 -21.85
C SER A 469 -1.68 10.57 -22.11
N HIS A 470 -1.60 10.98 -23.37
CA HIS A 470 -0.82 12.16 -23.74
C HIS A 470 -1.68 13.24 -24.40
N ILE A 471 -3.00 13.22 -24.20
CA ILE A 471 -3.84 14.24 -24.80
C ILE A 471 -3.56 15.62 -24.23
N GLY A 472 -3.06 15.69 -22.99
CA GLY A 472 -2.75 16.98 -22.39
C GLY A 472 -1.68 17.73 -23.17
N HIS A 473 -0.72 17.00 -23.73
CA HIS A 473 0.33 17.62 -24.53
C HIS A 473 -0.26 18.35 -25.73
N HIS A 474 -1.21 17.72 -26.42
CA HIS A 474 -1.90 18.39 -27.51
C HIS A 474 -2.74 19.55 -27.02
N LEU A 475 -3.44 19.38 -25.91
CA LEU A 475 -4.27 20.46 -25.38
C LEU A 475 -3.43 21.67 -24.96
N LYS A 476 -2.16 21.46 -24.64
CA LYS A 476 -1.31 22.57 -24.20
C LYS A 476 -1.03 23.55 -25.34
N ASN A 477 -0.79 23.04 -26.55
CA ASN A 477 -0.38 23.88 -27.67
C ASN A 477 -1.57 24.28 -28.53
N ILE A 478 -2.53 24.97 -27.90
CA ILE A 478 -3.64 25.57 -28.62
C ILE A 478 -3.74 27.04 -28.19
N GLU A 479 -4.76 27.74 -28.69
CA GLU A 479 -4.98 29.12 -28.26
C GLU A 479 -5.44 29.16 -26.80
N HIS A 480 -5.03 30.21 -26.09
CA HIS A 480 -5.38 30.34 -24.68
C HIS A 480 -6.89 30.37 -24.45
N PRO A 481 -7.70 31.13 -25.19
CA PRO A 481 -9.16 31.01 -25.00
C PRO A 481 -9.67 29.60 -25.21
N GLU A 482 -9.12 28.86 -26.17
CA GLU A 482 -9.44 27.45 -26.29
C GLU A 482 -8.71 26.60 -25.25
N ARG A 483 -7.57 27.06 -24.75
CA ARG A 483 -6.87 26.32 -23.71
C ARG A 483 -7.73 26.20 -22.45
N MET A 484 -8.34 27.30 -22.00
CA MET A 484 -9.14 27.17 -20.79
C MET A 484 -10.53 26.60 -21.09
N THR A 485 -11.19 27.12 -22.11
CA THR A 485 -12.56 26.70 -22.42
C THR A 485 -12.59 25.21 -22.76
N LEU A 486 -13.28 24.44 -21.92
CA LEU A 486 -13.42 23.00 -22.08
C LEU A 486 -12.07 22.32 -22.26
N PHE A 487 -11.27 22.40 -21.19
CA PHE A 487 -10.09 21.56 -21.05
C PHE A 487 -10.48 20.11 -20.78
N ARG A 488 -11.77 19.83 -20.58
CA ARG A 488 -12.28 18.50 -20.25
C ARG A 488 -11.63 18.04 -18.96
N MET A 489 -10.54 17.28 -19.07
CA MET A 489 -9.74 16.73 -17.97
C MET A 489 -10.47 16.78 -16.61
N VAL A 490 -10.16 17.81 -15.82
CA VAL A 490 -10.68 18.07 -14.47
C VAL A 490 -11.27 16.80 -13.85
N PHE A 491 -12.60 16.72 -13.80
CA PHE A 491 -13.26 15.50 -13.36
C PHE A 491 -14.69 15.46 -13.88
N LEU A 492 -14.93 14.76 -14.99
CA LEU A 492 -16.30 14.35 -15.31
C LEU A 492 -16.40 12.83 -15.41
N ASP A 493 -15.68 12.25 -16.36
CA ASP A 493 -15.64 10.80 -16.58
C ASP A 493 -14.22 10.38 -16.93
N PHE A 494 -13.37 11.37 -17.21
CA PHE A 494 -12.09 11.12 -17.88
C PHE A 494 -11.19 10.22 -17.05
N ARG A 495 -10.97 10.58 -15.78
CA ARG A 495 -9.94 9.88 -15.01
C ARG A 495 -10.40 8.50 -14.56
N PHE A 496 -11.70 8.27 -14.44
CA PHE A 496 -12.17 6.93 -14.05
C PHE A 496 -11.82 5.91 -15.12
N LEU A 497 -12.33 6.11 -16.33
CA LEU A 497 -12.02 5.19 -17.43
C LEU A 497 -10.56 5.25 -17.82
N GLU A 498 -9.90 6.40 -17.65
CA GLU A 498 -8.46 6.45 -17.84
C GLU A 498 -7.74 5.53 -16.86
N GLN A 499 -8.19 5.51 -15.61
CA GLN A 499 -7.55 4.69 -14.59
C GLN A 499 -7.80 3.22 -14.85
N LYS A 500 -9.02 2.86 -15.27
CA LYS A 500 -9.32 1.45 -15.51
C LYS A 500 -8.67 0.94 -16.79
N ILE A 501 -8.72 1.71 -17.87
CA ILE A 501 -8.15 1.25 -19.14
C ILE A 501 -6.64 1.39 -19.12
N ARG A 502 -6.13 2.59 -18.88
CA ARG A 502 -4.71 2.76 -18.60
C ARG A 502 -4.51 2.31 -17.17
N HIS A 503 -4.12 1.05 -16.99
CA HIS A 503 -4.08 0.43 -15.67
C HIS A 503 -2.72 -0.07 -15.26
N ASP A 504 -1.81 -0.35 -16.19
CA ASP A 504 -0.44 -0.78 -15.89
C ASP A 504 -0.48 -2.05 -15.02
N SER A 505 -1.50 -2.88 -15.23
CA SER A 505 -1.64 -4.11 -14.49
C SER A 505 -0.63 -5.17 -14.93
N THR A 506 0.10 -4.92 -16.01
CA THR A 506 0.95 -5.94 -16.63
C THR A 506 1.90 -6.59 -15.63
N ALA A 507 2.84 -5.82 -15.09
CA ALA A 507 3.74 -6.46 -14.13
C ALA A 507 3.92 -5.68 -12.84
N TRP A 508 4.02 -4.34 -12.90
CA TRP A 508 4.39 -3.57 -11.72
C TRP A 508 3.19 -2.96 -11.00
N ASN A 509 1.97 -3.39 -11.32
CA ASN A 509 0.79 -2.92 -10.63
C ASN A 509 -0.34 -3.92 -10.87
N ALA A 510 -1.46 -3.73 -10.20
CA ALA A 510 -2.65 -4.53 -10.38
C ALA A 510 -3.61 -3.79 -11.31
N SER A 511 -4.81 -4.35 -11.49
CA SER A 511 -5.81 -3.71 -12.33
C SER A 511 -6.13 -2.33 -11.79
N GLY A 512 -5.74 -1.29 -12.53
CA GLY A 512 -5.94 0.08 -12.08
C GLY A 512 -4.83 0.56 -11.17
N SER A 513 -4.42 1.82 -11.36
CA SER A 513 -3.41 2.43 -10.51
C SER A 513 -3.92 3.77 -10.00
N ILE A 514 -3.05 4.57 -9.41
CA ILE A 514 -3.38 5.95 -9.05
C ILE A 514 -2.33 6.83 -9.71
N LEU A 515 -1.17 6.24 -9.99
CA LEU A 515 -0.03 6.93 -10.57
C LEU A 515 -0.29 7.30 -12.03
N ASN A 516 0.54 8.21 -12.54
CA ASN A 516 0.50 8.71 -13.92
C ASN A 516 -0.76 9.53 -14.18
N THR A 517 -1.68 9.58 -13.21
CA THR A 517 -2.75 10.55 -13.19
C THR A 517 -2.44 11.71 -12.26
N LEU A 518 -1.86 11.40 -11.09
CA LEU A 518 -1.26 12.45 -10.29
C LEU A 518 -0.11 13.12 -11.04
N GLN A 519 0.70 12.34 -11.76
CA GLN A 519 1.72 12.94 -12.61
C GLN A 519 1.11 13.67 -13.80
N GLN A 520 -0.18 13.51 -14.05
CA GLN A 520 -0.93 14.39 -14.93
C GLN A 520 -1.61 15.52 -14.15
N LEU A 521 -1.92 15.30 -12.87
CA LEU A 521 -2.43 16.35 -11.99
C LEU A 521 -1.31 17.11 -11.28
N LYS A 522 -0.15 16.49 -11.11
CA LYS A 522 1.11 17.21 -11.03
C LYS A 522 1.58 17.45 -12.46
N PHE A 523 2.29 18.55 -12.67
CA PHE A 523 2.49 19.16 -13.98
C PHE A 523 1.17 19.80 -14.40
N TYR A 524 0.12 19.53 -13.65
CA TYR A 524 -1.04 20.41 -13.55
C TYR A 524 -0.90 21.36 -12.37
N LYS A 525 0.01 21.07 -11.45
CA LYS A 525 0.50 22.13 -10.57
C LYS A 525 1.06 23.28 -11.38
N PRO A 526 1.82 23.06 -12.47
CA PRO A 526 1.91 24.08 -13.52
C PRO A 526 0.57 24.44 -14.16
N TYR A 527 -0.23 23.45 -14.64
CA TYR A 527 -1.37 23.99 -15.41
C TYR A 527 -2.50 24.57 -14.54
N ILE A 528 -2.50 24.94 -13.25
CA ILE A 528 -3.62 25.72 -12.73
C ILE A 528 -3.60 27.08 -13.43
N CYS A 529 -2.53 27.35 -14.20
CA CYS A 529 -2.47 28.53 -15.05
C CYS A 529 -3.62 28.59 -16.05
N ASP A 530 -4.43 27.53 -16.18
CA ASP A 530 -5.66 27.63 -16.95
C ASP A 530 -6.60 28.58 -16.21
N ASN A 531 -6.74 29.79 -16.75
CA ASN A 531 -7.38 30.94 -16.11
C ASN A 531 -6.67 31.39 -14.84
N ASP A 532 -5.49 30.82 -14.54
CA ASP A 532 -4.77 31.07 -13.29
C ASP A 532 -5.67 30.68 -12.11
N PRO A 533 -5.28 30.95 -10.86
CA PRO A 533 -6.27 30.85 -9.78
C PRO A 533 -7.49 31.72 -10.05
N LYS A 534 -7.27 33.03 -10.21
CA LYS A 534 -8.25 34.05 -10.57
C LYS A 534 -9.67 33.56 -10.75
N TYR A 535 -10.14 33.50 -12.01
CA TYR A 535 -11.46 32.94 -12.28
C TYR A 535 -11.48 31.47 -11.89
N GLU A 536 -12.62 31.02 -11.38
CA GLU A 536 -12.82 29.69 -10.79
C GLU A 536 -11.64 29.32 -9.88
N ARG A 537 -11.36 30.22 -8.92
CA ARG A 537 -10.36 29.91 -7.90
C ARG A 537 -10.84 28.76 -7.01
N LEU A 538 -12.15 28.61 -6.85
CA LEU A 538 -12.67 27.39 -6.23
C LEU A 538 -12.29 26.17 -7.04
N VAL A 539 -12.20 26.30 -8.36
CA VAL A 539 -11.71 25.20 -9.18
C VAL A 539 -10.22 24.98 -8.94
N ASN A 540 -9.45 26.04 -8.63
CA ASN A 540 -8.08 25.84 -8.20
C ASN A 540 -8.05 25.03 -6.90
N ALA A 541 -8.95 25.34 -5.97
CA ALA A 541 -9.02 24.59 -4.73
C ALA A 541 -9.34 23.12 -4.98
N ILE A 542 -10.32 22.85 -5.85
CA ILE A 542 -10.67 21.46 -6.14
C ILE A 542 -9.56 20.77 -6.91
N LEU A 543 -8.80 21.52 -7.72
CA LEU A 543 -7.64 20.96 -8.41
C LEU A 543 -6.56 20.55 -7.42
N ASP A 544 -6.40 21.32 -6.34
CA ASP A 544 -5.47 20.90 -5.29
C ASP A 544 -6.03 19.71 -4.51
N PHE A 545 -7.34 19.69 -4.26
CA PHE A 545 -7.92 18.66 -3.40
C PHE A 545 -8.08 17.32 -4.12
N LEU A 546 -8.21 17.32 -5.44
CA LEU A 546 -8.38 16.08 -6.18
C LEU A 546 -7.25 15.08 -5.94
N PRO A 547 -5.97 15.48 -5.88
CA PRO A 547 -4.95 14.52 -5.43
C PRO A 547 -5.28 13.84 -4.11
N LYS A 548 -5.69 14.61 -3.09
CA LYS A 548 -5.91 14.03 -1.77
C LYS A 548 -7.07 13.04 -1.77
N ILE A 549 -8.19 13.39 -2.39
CA ILE A 549 -9.32 12.47 -2.43
C ILE A 549 -8.96 11.25 -3.28
N GLU A 550 -8.21 11.45 -4.36
CA GLU A 550 -7.83 10.33 -5.22
C GLU A 550 -6.94 9.33 -4.47
N GLU A 551 -5.99 9.82 -3.68
CA GLU A 551 -5.20 8.89 -2.87
C GLU A 551 -6.02 8.35 -1.71
N ASN A 552 -7.10 9.05 -1.34
CA ASN A 552 -7.94 8.58 -0.24
C ASN A 552 -8.75 7.36 -0.63
N LEU A 553 -8.98 7.15 -1.92
CA LEU A 553 -9.79 6.04 -2.41
C LEU A 553 -9.09 5.19 -3.46
N ILE A 554 -7.78 4.98 -3.34
CA ILE A 554 -7.08 4.05 -4.23
C ILE A 554 -7.71 2.67 -4.12
N CYS A 555 -7.69 2.10 -2.92
CA CYS A 555 -8.34 0.82 -2.70
C CYS A 555 -9.85 0.97 -2.83
N SER A 556 -10.54 -0.17 -2.87
CA SER A 556 -11.99 -0.27 -3.00
C SER A 556 -12.52 0.38 -4.27
N LYS A 557 -11.64 0.74 -5.20
CA LYS A 557 -12.06 1.41 -6.43
C LYS A 557 -11.60 0.64 -7.66
N TYR A 558 -10.38 0.13 -7.63
CA TYR A 558 -9.83 -0.65 -8.72
C TYR A 558 -9.78 -2.15 -8.38
N THR A 559 -10.76 -2.61 -7.62
CA THR A 559 -10.89 -4.01 -7.27
C THR A 559 -12.16 -4.65 -7.81
N ASP A 560 -13.09 -3.88 -8.38
CA ASP A 560 -14.39 -4.39 -8.77
C ASP A 560 -14.95 -3.48 -9.85
N LEU A 561 -16.24 -3.64 -10.16
CA LEU A 561 -16.89 -2.95 -11.27
C LEU A 561 -17.54 -1.63 -10.84
N LEU A 562 -16.88 -0.87 -9.97
CA LEU A 562 -17.47 0.36 -9.47
C LEU A 562 -17.09 1.54 -10.36
N ARG A 563 -17.90 2.59 -10.30
CA ARG A 563 -17.67 3.81 -11.04
C ARG A 563 -17.36 4.96 -10.08
N ILE A 564 -16.60 5.94 -10.59
CA ILE A 564 -16.03 7.00 -9.77
C ILE A 564 -17.13 7.84 -9.13
N ALA A 565 -18.30 7.88 -9.75
CA ALA A 565 -19.29 8.89 -9.40
C ALA A 565 -19.83 8.70 -7.98
N LEU A 566 -20.19 7.47 -7.60
CA LEU A 566 -20.73 7.24 -6.26
C LEU A 566 -19.67 7.50 -5.20
N MET A 567 -18.49 6.90 -5.35
CA MET A 567 -17.42 7.11 -4.38
C MET A 567 -16.99 8.56 -4.31
N ALA A 568 -17.22 9.33 -5.37
CA ALA A 568 -17.10 10.77 -5.27
C ALA A 568 -18.20 11.33 -4.37
N GLU A 569 -19.46 11.08 -4.73
CA GLU A 569 -20.62 11.66 -4.05
C GLU A 569 -20.59 11.44 -2.53
N ASP A 570 -19.74 10.54 -2.05
CA ASP A 570 -19.47 10.40 -0.62
C ASP A 570 -18.54 11.50 -0.16
N GLU A 571 -17.93 11.32 1.01
CA GLU A 571 -16.82 12.16 1.47
C GLU A 571 -17.31 13.55 1.88
N ALA A 572 -16.43 14.53 1.81
CA ALA A 572 -16.64 15.82 2.48
C ALA A 572 -15.95 16.91 1.67
N ILE A 573 -15.67 18.03 2.33
CA ILE A 573 -15.00 19.22 1.78
C ILE A 573 -15.87 19.83 0.67
N PHE A 574 -15.25 20.21 -0.45
CA PHE A 574 -15.89 21.09 -1.42
C PHE A 574 -16.03 20.49 -2.81
N GLU A 575 -15.49 19.30 -3.05
CA GLU A 575 -15.70 18.65 -4.34
C GLU A 575 -17.17 18.35 -4.57
N GLU A 576 -17.94 18.16 -3.49
CA GLU A 576 -19.38 17.94 -3.60
C GLU A 576 -20.06 19.08 -4.35
N ALA A 577 -19.57 20.30 -4.18
CA ALA A 577 -20.11 21.43 -4.94
C ALA A 577 -19.88 21.24 -6.43
N HIS A 578 -18.79 20.59 -6.82
CA HIS A 578 -18.57 20.29 -8.23
C HIS A 578 -19.47 19.15 -8.70
N LYS A 579 -19.67 18.13 -7.85
CA LYS A 579 -20.55 17.03 -8.21
C LYS A 579 -21.96 17.50 -8.46
N GLN A 580 -22.49 18.35 -7.58
CA GLN A 580 -23.89 18.77 -7.68
C GLN A 580 -24.15 19.48 -9.01
N VAL A 581 -23.19 20.30 -9.46
CA VAL A 581 -23.32 20.92 -10.77
C VAL A 581 -23.14 19.89 -11.88
N GLN A 582 -22.16 19.01 -11.74
CA GLN A 582 -21.82 18.07 -12.80
C GLN A 582 -22.93 17.05 -13.03
N ARG A 583 -23.54 16.55 -11.95
CA ARG A 583 -24.31 15.31 -12.01
C ARG A 583 -25.80 15.57 -12.17
N PHE A 584 -26.18 16.62 -12.89
CA PHE A 584 -27.58 16.95 -13.13
C PHE A 584 -28.03 16.55 -14.52
N ASP A 585 -27.28 15.70 -15.21
CA ASP A 585 -27.60 15.25 -16.55
C ASP A 585 -27.45 13.74 -16.66
N ASP A 586 -27.96 13.02 -15.65
CA ASP A 586 -27.86 11.57 -15.61
C ASP A 586 -29.04 11.02 -14.82
N ARG A 587 -29.29 9.72 -15.02
CA ARG A 587 -30.36 9.03 -14.31
C ARG A 587 -29.78 8.35 -13.08
N VAL A 588 -30.59 7.49 -12.43
CA VAL A 588 -30.25 6.77 -11.20
C VAL A 588 -29.46 7.69 -10.27
N TRP A 589 -28.35 7.21 -9.70
CA TRP A 589 -27.40 8.00 -8.93
C TRP A 589 -27.96 8.36 -7.55
N PHE A 590 -27.13 8.24 -6.52
CA PHE A 590 -27.58 8.48 -5.15
C PHE A 590 -26.39 8.42 -4.20
N THR A 591 -26.52 9.12 -3.06
CA THR A 591 -25.66 9.00 -1.89
C THR A 591 -26.07 10.04 -0.84
N ASN A 592 -25.57 11.26 -0.96
CA ASN A 592 -25.80 12.33 0.01
C ASN A 592 -25.54 11.86 1.44
N HIS A 593 -24.37 11.26 1.63
CA HIS A 593 -24.03 10.67 2.93
C HIS A 593 -23.64 11.80 3.88
N GLY A 594 -24.65 12.41 4.50
CA GLY A 594 -24.45 13.60 5.32
C GLY A 594 -24.33 13.34 6.81
N ARG A 595 -23.34 12.54 7.19
CA ARG A 595 -23.09 12.24 8.60
C ARG A 595 -21.78 11.50 8.74
N PHE A 596 -21.09 11.76 9.86
CA PHE A 596 -19.79 11.17 10.13
C PHE A 596 -19.65 10.98 11.63
N HIS A 597 -19.50 9.73 12.07
CA HIS A 597 -19.39 9.39 13.49
C HIS A 597 -18.20 8.48 13.74
N GLN A 598 -17.03 8.82 13.20
CA GLN A 598 -15.86 7.94 13.27
C GLN A 598 -14.69 8.65 13.96
N HIS A 599 -14.45 8.30 15.23
CA HIS A 599 -13.26 8.69 15.98
C HIS A 599 -13.06 10.19 16.11
N ARG A 600 -11.97 10.58 16.76
CA ARG A 600 -11.63 11.98 16.99
C ARG A 600 -10.12 12.13 16.92
N GLN A 601 -9.68 13.35 16.65
CA GLN A 601 -8.26 13.68 16.62
C GLN A 601 -8.11 15.19 16.74
N ILE A 602 -6.90 15.62 17.09
CA ILE A 602 -6.54 17.02 17.24
C ILE A 602 -7.28 17.64 18.42
N ILE A 603 -6.54 18.10 19.41
CA ILE A 603 -7.10 18.68 20.63
C ILE A 603 -6.71 20.15 20.68
N ASN A 604 -7.71 21.03 20.75
CA ASN A 604 -7.44 22.46 20.86
C ASN A 604 -6.87 22.80 22.23
N LEU A 605 -5.91 23.72 22.26
CA LEU A 605 -5.31 24.16 23.51
C LEU A 605 -5.13 25.67 23.54
N GLY A 606 -6.01 26.42 22.89
CA GLY A 606 -5.95 27.86 22.91
C GLY A 606 -4.85 28.43 22.04
N ASP A 607 -4.63 29.74 22.21
CA ASP A 607 -3.62 30.45 21.44
C ASP A 607 -2.20 29.97 21.73
N ASN A 608 -1.96 29.39 22.90
CA ASN A 608 -0.62 28.94 23.25
C ASN A 608 -0.28 27.65 22.52
N GLU A 609 1.02 27.36 22.44
CA GLU A 609 1.53 26.18 21.75
C GLU A 609 2.08 25.21 22.78
N GLY A 610 1.64 23.95 22.70
CA GLY A 610 2.06 22.95 23.68
C GLY A 610 3.54 22.62 23.54
N ARG A 611 4.28 22.76 24.64
CA ARG A 611 5.67 22.34 24.67
C ARG A 611 5.83 20.86 24.97
N HIS A 612 4.99 20.32 25.83
CA HIS A 612 5.09 18.91 26.20
C HIS A 612 3.69 18.33 26.37
N ALA A 613 3.58 17.02 26.13
CA ALA A 613 2.30 16.32 26.25
C ALA A 613 2.51 15.00 26.99
N VAL A 614 1.54 14.64 27.82
CA VAL A 614 1.56 13.35 28.51
C VAL A 614 0.13 12.86 28.71
N TYR A 615 -0.09 11.57 28.47
CA TYR A 615 -1.39 10.96 28.67
C TYR A 615 -1.55 10.51 30.10
N LEU A 616 -2.79 10.31 30.53
CA LEU A 616 -3.13 9.97 31.89
C LEU A 616 -4.19 8.88 31.86
N HIS A 617 -4.27 8.10 32.94
CA HIS A 617 -5.37 7.16 33.08
C HIS A 617 -6.69 7.91 33.17
N ASN A 618 -7.78 7.17 32.99
CA ASN A 618 -9.14 7.71 33.00
C ASN A 618 -9.35 8.73 31.89
N ASP A 619 -8.59 8.62 30.79
CA ASP A 619 -8.79 9.41 29.58
C ASP A 619 -8.64 10.91 29.85
N PHE A 620 -7.41 11.28 30.20
CA PHE A 620 -7.06 12.69 30.40
C PHE A 620 -5.69 12.96 29.80
N CYS A 621 -5.41 14.24 29.54
CA CYS A 621 -4.12 14.63 29.00
C CYS A 621 -3.62 15.88 29.72
N LEU A 622 -2.31 15.88 30.02
CA LEU A 622 -1.64 17.02 30.62
C LEU A 622 -0.72 17.64 29.56
N ILE A 623 -0.91 18.93 29.31
CA ILE A 623 -0.11 19.69 28.34
C ILE A 623 0.70 20.72 29.11
N ALA A 624 2.02 20.68 28.95
CA ALA A 624 2.90 21.73 29.45
C ALA A 624 3.07 22.76 28.35
N LEU A 625 2.68 23.99 28.66
CA LEU A 625 2.50 25.05 27.67
C LEU A 625 3.71 25.97 27.61
N ALA A 626 3.75 26.79 26.55
CA ALA A 626 4.84 27.75 26.40
C ALA A 626 4.80 28.82 27.47
N SER A 627 3.59 29.23 27.88
CA SER A 627 3.45 30.27 28.88
C SER A 627 3.89 29.83 30.27
N GLY A 628 4.15 28.54 30.48
CA GLY A 628 4.55 28.04 31.77
C GLY A 628 3.44 27.44 32.60
N GLN A 629 2.26 27.24 32.02
CA GLN A 629 1.11 26.69 32.73
C GLN A 629 0.89 25.24 32.34
N ILE A 630 -0.04 24.61 33.04
CA ILE A 630 -0.42 23.22 32.80
C ILE A 630 -1.89 23.19 32.39
N LEU A 631 -2.19 22.52 31.29
CA LEU A 631 -3.55 22.39 30.79
C LEU A 631 -3.95 20.92 30.90
N LEU A 632 -4.88 20.63 31.81
CA LEU A 632 -5.43 19.29 31.97
C LEU A 632 -6.76 19.22 31.24
N THR A 633 -6.87 18.32 30.27
CA THR A 633 -8.04 18.25 29.40
C THR A 633 -8.57 16.83 29.31
N ASP A 634 -9.85 16.72 28.98
CA ASP A 634 -10.50 15.44 28.72
C ASP A 634 -10.39 15.12 27.25
N VAL A 635 -9.82 13.96 26.93
CA VAL A 635 -9.58 13.58 25.55
C VAL A 635 -10.84 13.09 24.84
N SER A 636 -11.83 12.59 25.59
CA SER A 636 -13.05 12.07 24.99
C SER A 636 -13.82 13.15 24.23
N LEU A 637 -13.55 14.42 24.49
CA LEU A 637 -14.33 15.55 23.97
C LEU A 637 -15.79 15.47 24.39
N GLU A 638 -16.09 14.65 25.39
CA GLU A 638 -17.43 14.48 25.92
C GLU A 638 -17.57 15.04 27.33
N GLY A 639 -16.47 15.22 28.06
CA GLY A 639 -16.51 15.82 29.37
C GLY A 639 -16.57 17.33 29.30
N GLU A 640 -16.72 17.95 30.48
CA GLU A 640 -16.90 19.39 30.57
C GLU A 640 -15.88 20.07 31.47
N ASP A 641 -14.81 19.38 31.85
CA ASP A 641 -13.84 19.92 32.80
C ASP A 641 -12.47 20.00 32.14
N THR A 642 -11.98 21.22 31.95
CA THR A 642 -10.60 21.48 31.55
C THR A 642 -9.99 22.43 32.57
N TYR A 643 -8.95 21.97 33.24
CA TYR A 643 -8.33 22.73 34.33
C TYR A 643 -7.05 23.39 33.86
N LEU A 644 -6.79 24.59 34.39
CA LEU A 644 -5.57 25.33 34.11
C LEU A 644 -4.82 25.54 35.42
N LEU A 645 -3.67 24.87 35.55
CA LEU A 645 -2.83 24.98 36.73
C LEU A 645 -1.70 25.95 36.43
N ARG A 646 -1.77 27.13 37.01
CA ARG A 646 -0.77 28.18 36.82
C ARG A 646 -0.13 28.53 38.15
N ASP A 647 1.19 28.70 38.14
CA ASP A 647 1.92 29.12 39.33
C ASP A 647 1.93 30.65 39.35
N GLU A 648 1.25 31.24 40.35
CA GLU A 648 1.11 32.68 40.40
C GLU A 648 2.43 33.40 40.66
N SER A 649 3.38 32.73 41.32
CA SER A 649 4.66 33.36 41.63
C SER A 649 5.71 33.18 40.54
N ASP A 650 5.77 32.02 39.90
CA ASP A 650 6.79 31.70 38.91
C ASP A 650 6.14 31.39 37.58
N SER A 651 6.69 31.95 36.50
CA SER A 651 6.20 31.72 35.15
C SER A 651 7.26 31.14 34.23
N SER A 652 8.29 30.51 34.79
CA SER A 652 9.35 29.92 33.99
C SER A 652 8.80 28.78 33.14
N ASP A 653 9.38 28.61 31.95
CA ASP A 653 8.93 27.57 31.04
C ASP A 653 9.21 26.19 31.60
N ILE A 654 8.50 25.21 31.07
CA ILE A 654 8.57 23.82 31.56
C ILE A 654 9.58 23.07 30.71
N LEU A 655 10.59 22.49 31.37
CA LEU A 655 11.59 21.71 30.68
C LEU A 655 11.31 20.21 30.74
N ARG A 656 10.89 19.71 31.90
CA ARG A 656 10.69 18.26 32.05
C ARG A 656 9.61 18.02 33.09
N MET A 657 9.00 16.84 33.02
CA MET A 657 8.06 16.42 34.06
C MET A 657 7.88 14.91 34.00
N ALA A 658 7.29 14.38 35.07
CA ALA A 658 6.99 12.96 35.20
C ALA A 658 5.84 12.78 36.16
N VAL A 659 4.89 11.92 35.80
CA VAL A 659 3.74 11.60 36.63
C VAL A 659 4.03 10.32 37.40
N PHE A 660 3.68 10.31 38.69
CA PHE A 660 4.00 9.18 39.55
C PHE A 660 2.97 9.10 40.67
N ASN A 661 3.19 8.15 41.58
CA ASN A 661 2.26 7.82 42.66
C ASN A 661 0.91 7.37 42.09
N GLN A 662 0.98 6.32 41.28
CA GLN A 662 -0.18 5.81 40.53
C GLN A 662 -0.83 6.93 39.72
N GLN A 663 0.03 7.73 39.09
CA GLN A 663 -0.37 8.88 38.28
C GLN A 663 -1.27 9.84 39.06
N LYS A 664 -0.95 10.07 40.33
CA LYS A 664 -1.70 11.02 41.15
C LYS A 664 -0.91 12.30 41.44
N HIS A 665 0.40 12.28 41.25
CA HIS A 665 1.23 13.45 41.52
C HIS A 665 2.16 13.69 40.34
N LEU A 666 2.55 14.96 40.17
CA LEU A 666 3.37 15.37 39.04
C LEU A 666 4.62 16.07 39.55
N ILE A 667 5.77 15.70 39.02
CA ILE A 667 7.04 16.36 39.33
C ILE A 667 7.51 17.09 38.09
N THR A 668 7.81 18.38 38.22
CA THR A 668 8.18 19.20 37.08
C THR A 668 9.48 19.95 37.36
N LEU A 669 10.19 20.27 36.27
CA LEU A 669 11.48 20.93 36.30
C LEU A 669 11.51 22.00 35.22
N HIS A 670 11.85 23.22 35.62
CA HIS A 670 11.85 24.39 34.76
C HIS A 670 13.28 24.81 34.41
N CYS A 671 13.40 25.94 33.70
CA CYS A 671 14.70 26.47 33.35
C CYS A 671 15.39 27.17 34.53
N ASN A 672 14.60 27.78 35.42
CA ASN A 672 15.13 28.58 36.53
C ASN A 672 15.73 27.76 37.65
N GLY A 673 15.94 26.45 37.48
CA GLY A 673 16.48 25.64 38.54
C GLY A 673 15.50 25.27 39.63
N SER A 674 14.21 25.30 39.36
CA SER A 674 13.19 24.95 40.33
C SER A 674 12.48 23.67 39.93
N VAL A 675 12.30 22.78 40.89
CA VAL A 675 11.54 21.54 40.71
C VAL A 675 10.36 21.56 41.66
N LYS A 676 9.16 21.34 41.12
CA LYS A 676 7.92 21.48 41.88
C LYS A 676 7.11 20.20 41.81
N LEU A 677 6.22 20.06 42.79
CA LEU A 677 5.28 18.94 42.86
C LEU A 677 3.86 19.48 42.80
N TRP A 678 3.04 18.86 41.96
CA TRP A 678 1.64 19.22 41.79
C TRP A 678 0.76 18.03 42.14
N SER A 679 -0.36 18.32 42.79
CA SER A 679 -1.39 17.34 43.07
C SER A 679 -2.53 17.53 42.07
N LEU A 680 -2.87 16.46 41.36
CA LEU A 680 -3.84 16.53 40.27
C LEU A 680 -5.25 16.13 40.70
N TRP A 681 -5.38 15.06 41.48
CA TRP A 681 -6.68 14.54 41.92
C TRP A 681 -6.77 14.68 43.43
N PRO A 682 -7.48 15.71 43.94
CA PRO A 682 -7.65 15.93 45.37
C PRO A 682 -8.85 15.20 45.95
N LYS A 694 -2.03 22.13 45.88
CA LYS A 694 -0.92 22.16 46.80
C LYS A 694 0.41 21.98 46.08
N GLN A 695 1.02 23.10 45.69
CA GLN A 695 2.30 23.09 44.98
C GLN A 695 3.44 23.13 45.98
N GLN A 696 4.28 22.09 45.95
CA GLN A 696 5.38 21.95 46.89
C GLN A 696 6.71 22.16 46.17
N LEU A 697 7.56 23.00 46.74
CA LEU A 697 8.90 23.25 46.21
C LEU A 697 9.87 22.32 46.91
N VAL A 698 10.40 21.34 46.17
CA VAL A 698 11.29 20.34 46.77
C VAL A 698 12.68 20.92 47.00
N ASN A 699 13.02 22.00 46.28
CA ASN A 699 14.35 22.59 46.45
C ASN A 699 14.53 23.20 47.83
N SER A 700 13.46 23.75 48.41
CA SER A 700 13.55 24.30 49.76
C SER A 700 13.84 23.20 50.77
N VAL A 701 13.48 21.96 50.47
CA VAL A 701 13.74 20.83 51.36
C VAL A 701 15.23 20.52 51.38
N ASN A 711 21.77 29.43 46.63
CA ASN A 711 21.66 29.91 45.25
C ASN A 711 22.20 28.88 44.28
N LEU A 712 21.92 27.61 44.55
CA LEU A 712 22.33 26.51 43.67
C LEU A 712 21.11 26.07 42.86
N LYS A 713 21.21 26.16 41.54
CA LYS A 713 20.11 25.83 40.66
C LYS A 713 20.07 24.34 40.38
N ILE A 714 18.96 23.89 39.79
CA ILE A 714 18.68 22.47 39.65
C ILE A 714 18.63 22.14 38.16
N VAL A 715 19.32 21.07 37.76
CA VAL A 715 19.52 20.78 36.35
C VAL A 715 18.69 19.59 35.88
N ALA A 716 18.77 18.45 36.58
CA ALA A 716 18.12 17.24 36.10
C ALA A 716 17.75 16.34 37.28
N PHE A 717 16.86 15.38 36.99
CA PHE A 717 16.37 14.48 38.02
C PHE A 717 16.02 13.14 37.38
N TYR A 718 15.75 12.17 38.25
CA TYR A 718 15.37 10.81 37.86
C TYR A 718 14.44 10.24 38.92
N LEU A 719 13.21 9.93 38.52
CA LEU A 719 12.22 9.30 39.37
C LEU A 719 12.23 7.79 39.13
N ASN A 720 12.46 7.02 40.18
CA ASN A 720 12.41 5.57 40.08
C ASN A 720 11.48 5.01 41.15
N GLU A 721 10.66 4.04 40.76
CA GLU A 721 9.67 3.43 41.63
C GLU A 721 9.95 1.94 41.76
N ASP A 722 9.89 1.43 42.98
CA ASP A 722 10.16 0.03 43.25
C ASP A 722 8.90 -0.81 43.07
N ASN A 729 8.15 1.80 47.43
CA ASN A 729 9.26 2.73 47.59
C ASN A 729 9.43 3.58 46.34
N ILE A 730 9.06 4.85 46.45
CA ILE A 730 9.19 5.81 45.36
C ILE A 730 10.32 6.77 45.72
N GLN A 731 11.25 6.97 44.78
CA GLN A 731 12.53 7.59 45.10
C GLN A 731 12.91 8.59 43.99
N LEU A 732 13.55 9.69 44.40
CA LEU A 732 13.98 10.74 43.48
C LEU A 732 15.48 10.98 43.62
N HIS A 733 16.19 11.02 42.50
CA HIS A 733 17.59 11.43 42.46
C HIS A 733 17.67 12.75 41.72
N VAL A 734 18.50 13.68 42.18
CA VAL A 734 18.53 15.02 41.63
C VAL A 734 19.99 15.47 41.49
N ALA A 735 20.29 16.21 40.44
CA ALA A 735 21.64 16.72 40.20
C ALA A 735 21.65 18.24 40.23
N PHE A 736 22.61 18.81 40.94
CA PHE A 736 22.80 20.25 40.99
C PHE A 736 23.68 20.71 39.82
N ILE A 737 23.93 22.03 39.75
CA ILE A 737 24.74 22.57 38.66
C ILE A 737 26.21 22.21 38.85
N ASN A 738 26.68 22.08 40.09
CA ASN A 738 28.08 21.79 40.36
C ASN A 738 28.41 20.31 40.28
N GLY A 739 27.42 19.46 40.03
CA GLY A 739 27.63 18.03 39.91
C GLY A 739 27.20 17.22 41.11
N ASP A 740 27.00 17.86 42.25
CA ASP A 740 26.58 17.12 43.44
C ASP A 740 25.20 16.54 43.23
N VAL A 741 25.02 15.28 43.63
CA VAL A 741 23.77 14.56 43.43
C VAL A 741 23.16 14.26 44.80
N SER A 742 21.86 14.54 44.94
CA SER A 742 21.14 14.34 46.17
C SER A 742 20.05 13.30 45.98
N ILE A 743 19.62 12.72 47.09
CA ILE A 743 18.76 11.53 47.12
C ILE A 743 17.59 11.82 48.06
N LEU A 744 16.35 11.64 47.55
CA LEU A 744 15.15 12.08 48.25
C LEU A 744 14.10 10.98 48.28
N ASN A 745 13.52 10.75 49.45
CA ASN A 745 12.57 9.67 49.64
C ASN A 745 11.15 10.20 49.76
N TRP A 746 10.22 9.51 49.10
CA TRP A 746 8.81 9.88 49.15
C TRP A 746 8.19 9.49 50.48
N ASP A 747 7.20 10.27 50.91
CA ASP A 747 6.48 10.04 52.16
C ASP A 747 5.00 10.01 51.87
N GLU A 748 4.36 8.86 52.10
CA GLU A 748 2.93 8.69 51.83
C GLU A 748 2.08 9.40 52.86
N GLN A 749 2.48 9.37 54.13
CA GLN A 749 1.65 9.92 55.19
C GLN A 749 1.51 11.44 55.03
N ASP A 750 2.56 12.10 54.55
CA ASP A 750 2.49 13.52 54.22
C ASP A 750 2.52 13.77 52.72
N GLN A 751 2.74 12.73 51.91
CA GLN A 751 2.81 12.85 50.46
C GLN A 751 3.87 13.88 50.04
N GLU A 752 5.02 13.85 50.72
CA GLU A 752 6.05 14.85 50.50
C GLU A 752 7.41 14.18 50.41
N PHE A 753 8.35 14.85 49.74
CA PHE A 753 9.69 14.31 49.58
C PHE A 753 10.62 14.83 50.67
N LYS A 754 11.22 13.92 51.41
CA LYS A 754 12.16 14.24 52.48
C LYS A 754 13.57 13.89 52.02
N LEU A 755 14.56 14.41 52.75
CA LEU A 755 15.95 14.14 52.44
C LEU A 755 16.36 12.78 53.00
N SER A 756 16.94 11.95 52.14
CA SER A 756 17.42 10.65 52.58
C SER A 756 18.77 10.78 53.28
N HIS A 757 19.11 9.76 54.05
CA HIS A 757 20.32 9.78 54.86
C HIS A 757 21.58 9.41 54.08
N VAL A 758 21.45 9.01 52.83
CA VAL A 758 22.62 8.69 52.00
C VAL A 758 23.43 9.97 51.79
N PRO A 759 24.76 9.94 51.99
CA PRO A 759 25.55 11.15 51.81
C PRO A 759 25.59 11.60 50.36
N VAL A 760 25.81 12.91 50.18
CA VAL A 760 25.81 13.51 48.85
C VAL A 760 27.08 13.09 48.12
N LEU A 761 26.90 12.45 46.95
CA LEU A 761 28.02 12.11 46.11
C LEU A 761 28.42 13.31 45.26
N LYS A 762 29.71 13.66 45.30
CA LYS A 762 30.23 14.81 44.58
C LYS A 762 30.80 14.31 43.24
N THR A 763 30.01 14.50 42.17
CA THR A 763 30.42 14.04 40.86
C THR A 763 31.52 14.89 40.25
N MET A 764 31.65 16.15 40.68
CA MET A 764 32.63 17.10 40.14
C MET A 764 32.47 17.31 38.64
N GLN A 765 31.28 17.03 38.10
CA GLN A 765 31.01 17.17 36.67
C GLN A 765 29.96 18.26 36.49
N SER A 766 30.42 19.51 36.41
CA SER A 766 29.54 20.63 36.12
C SER A 766 29.02 20.53 34.69
N GLY A 767 27.84 21.08 34.47
CA GLY A 767 27.21 21.03 33.17
C GLY A 767 26.55 19.71 32.83
N ILE A 768 26.18 18.91 33.84
CA ILE A 768 25.46 17.68 33.60
C ILE A 768 24.16 17.99 32.85
N ARG A 769 23.83 17.16 31.86
CA ARG A 769 22.58 17.31 31.14
C ARG A 769 21.57 16.21 31.46
N CYS A 770 22.04 15.03 31.83
CA CYS A 770 21.13 13.95 32.21
C CYS A 770 21.89 12.90 33.01
N PHE A 771 21.15 12.17 33.83
CA PHE A 771 21.74 11.11 34.63
C PHE A 771 20.66 10.13 35.05
N VAL A 772 21.01 8.84 35.04
CA VAL A 772 20.08 7.77 35.38
C VAL A 772 20.80 6.79 36.31
N GLN A 773 20.00 6.00 37.04
CA GLN A 773 20.51 4.93 37.88
C GLN A 773 20.23 3.59 37.21
N VAL A 774 21.23 2.72 37.22
CA VAL A 774 21.18 1.42 36.56
C VAL A 774 21.43 0.33 37.60
N LEU A 775 20.54 -0.66 37.63
CA LEU A 775 20.66 -1.84 38.49
C LEU A 775 20.75 -1.48 39.97
N LYS A 776 20.24 -0.30 40.34
CA LYS A 776 20.28 0.22 41.70
C LYS A 776 21.70 0.38 42.24
N ARG A 777 22.70 0.31 41.38
CA ARG A 777 24.08 0.38 41.84
C ARG A 777 24.92 1.41 41.09
N TYR A 778 24.69 1.60 39.80
CA TYR A 778 25.55 2.45 39.00
C TYR A 778 24.82 3.72 38.55
N TYR A 779 25.59 4.77 38.31
CA TYR A 779 25.08 6.04 37.80
C TYR A 779 25.65 6.29 36.41
N VAL A 780 24.78 6.56 35.46
CA VAL A 780 25.17 6.89 34.09
C VAL A 780 24.88 8.38 33.89
N VAL A 781 25.91 9.16 33.61
CA VAL A 781 25.82 10.61 33.54
C VAL A 781 26.30 11.07 32.16
N CYS A 782 25.51 11.94 31.53
CA CYS A 782 25.87 12.53 30.25
C CYS A 782 25.78 14.05 30.38
N THR A 783 26.88 14.73 30.04
CA THR A 783 26.95 16.17 30.13
C THR A 783 26.64 16.81 28.77
N SER A 784 26.81 18.12 28.68
CA SER A 784 26.49 18.84 27.45
C SER A 784 27.54 18.65 26.36
N ASN A 785 28.74 18.19 26.72
CA ASN A 785 29.83 18.03 25.76
C ASN A 785 29.91 16.61 25.21
N CYS A 786 28.78 15.87 25.21
CA CYS A 786 28.72 14.50 24.72
C CYS A 786 29.69 13.58 25.46
N THR A 787 29.95 13.89 26.73
CA THR A 787 30.85 13.09 27.55
C THR A 787 30.03 12.13 28.41
N LEU A 788 30.42 10.86 28.39
CA LEU A 788 29.73 9.82 29.14
C LEU A 788 30.58 9.40 30.33
N THR A 789 29.96 9.35 31.52
CA THR A 789 30.63 8.93 32.73
C THR A 789 29.79 7.91 33.47
N VAL A 790 30.46 6.98 34.14
CA VAL A 790 29.82 5.95 34.95
C VAL A 790 30.41 6.01 36.35
N TRP A 791 29.53 5.94 37.35
CA TRP A 791 29.94 6.04 38.74
C TRP A 791 29.41 4.85 39.53
N ASP A 792 30.28 4.23 40.31
CA ASP A 792 29.90 3.11 41.18
C ASP A 792 29.53 3.66 42.54
N LEU A 793 28.26 3.48 42.93
CA LEU A 793 27.80 4.00 44.21
C LEU A 793 28.49 3.31 45.38
N THR A 794 28.88 2.04 45.21
CA THR A 794 29.51 1.31 46.30
C THR A 794 30.87 1.87 46.65
N ASN A 795 31.66 2.30 45.65
CA ASN A 795 33.02 2.78 45.89
C ASN A 795 33.27 4.23 45.47
N GLY A 796 32.48 4.80 44.57
CA GLY A 796 32.67 6.17 44.17
C GLY A 796 33.66 6.40 43.05
N SER A 797 34.22 5.34 42.47
CA SER A 797 35.16 5.49 41.36
C SER A 797 34.43 5.93 40.10
N SER A 798 35.15 6.63 39.23
CA SER A 798 34.61 7.18 37.99
C SER A 798 35.23 6.47 36.79
N ASN A 799 34.41 6.15 35.79
CA ASN A 799 34.87 5.53 34.56
C ASN A 799 34.42 6.40 33.40
N THR A 800 35.37 6.80 32.56
CA THR A 800 35.05 7.57 31.36
C THR A 800 34.86 6.64 30.17
N LEU A 801 34.00 7.06 29.25
CA LEU A 801 33.72 6.28 28.05
C LEU A 801 34.19 7.02 26.80
N PRO A 813 23.36 15.63 23.28
CA PRO A 813 22.53 14.67 24.03
C PRO A 813 21.16 15.22 24.37
N LEU A 814 20.13 14.39 24.24
CA LEU A 814 18.76 14.81 24.53
C LEU A 814 18.15 14.04 25.68
N ALA A 815 18.20 12.70 25.65
CA ALA A 815 17.50 11.92 26.66
C ALA A 815 18.27 10.66 26.97
N LEU A 816 18.03 10.14 28.18
CA LEU A 816 18.60 8.87 28.64
C LEU A 816 17.50 8.04 29.28
N ASP A 817 17.41 6.78 28.87
CA ASP A 817 16.40 5.88 29.42
C ASP A 817 17.04 4.53 29.69
N VAL A 818 16.41 3.75 30.58
CA VAL A 818 16.92 2.44 30.97
C VAL A 818 15.84 1.40 30.74
N PHE A 819 16.19 0.34 30.01
CA PHE A 819 15.32 -0.81 29.80
C PHE A 819 16.10 -1.99 29.24
N THR A 827 20.84 -2.42 29.44
CA THR A 827 20.78 -1.61 28.23
C THR A 827 20.26 -0.22 28.53
N VAL A 828 20.96 0.80 28.01
CA VAL A 828 20.58 2.20 28.20
C VAL A 828 20.42 2.83 26.83
N LEU A 829 19.29 3.51 26.63
CA LEU A 829 19.00 4.21 25.38
C LEU A 829 19.45 5.66 25.52
N LEU A 830 20.34 6.09 24.63
CA LEU A 830 20.82 7.46 24.57
C LEU A 830 20.26 8.12 23.32
N ILE A 831 19.60 9.25 23.50
CA ILE A 831 18.98 9.99 22.39
C ILE A 831 19.73 11.30 22.25
N PHE A 832 20.37 11.49 21.11
CA PHE A 832 21.06 12.71 20.76
C PHE A 832 20.22 13.50 19.74
N LYS A 833 20.74 14.65 19.33
CA LYS A 833 20.06 15.43 18.31
C LYS A 833 20.18 14.77 16.93
N TYR A 834 21.30 14.10 16.68
CA TYR A 834 21.56 13.51 15.37
C TYR A 834 21.69 11.99 15.39
N SER A 835 21.83 11.36 16.54
CA SER A 835 22.09 9.93 16.59
C SER A 835 21.35 9.30 17.78
N VAL A 836 21.15 8.00 17.69
CA VAL A 836 20.53 7.22 18.75
C VAL A 836 21.42 6.01 19.04
N TRP A 837 21.74 5.80 20.32
CA TRP A 837 22.68 4.79 20.74
C TRP A 837 22.02 3.83 21.72
N ARG A 838 22.33 2.54 21.58
CA ARG A 838 21.92 1.52 22.53
C ARG A 838 23.16 0.98 23.22
N LEU A 839 23.13 0.94 24.56
CA LEU A 839 24.28 0.51 25.36
C LEU A 839 23.86 -0.70 26.19
N ASN A 840 23.99 -1.88 25.60
CA ASN A 840 23.75 -3.11 26.35
C ASN A 840 24.77 -3.24 27.47
N PHE A 841 24.28 -3.53 28.68
CA PHE A 841 25.11 -3.63 29.87
C PHE A 841 25.27 -5.09 30.25
N LEU A 842 26.50 -5.50 30.57
CA LEU A 842 26.75 -6.84 31.09
C LEU A 842 27.60 -6.72 32.35
N PRO A 843 27.30 -7.47 33.41
CA PRO A 843 28.02 -7.29 34.68
C PRO A 843 29.39 -7.98 34.67
N GLY A 844 30.32 -7.40 35.41
CA GLY A 844 31.65 -7.97 35.53
C GLY A 844 32.54 -7.08 36.35
N LEU A 845 33.81 -7.49 36.46
CA LEU A 845 34.80 -6.64 37.13
C LEU A 845 34.97 -5.33 36.39
N SER A 846 35.05 -5.39 35.06
CA SER A 846 35.00 -4.21 34.20
C SER A 846 33.68 -4.25 33.45
N VAL A 847 32.83 -3.26 33.68
CA VAL A 847 31.49 -3.27 33.10
C VAL A 847 31.62 -3.24 31.57
N SER A 848 31.03 -4.23 30.91
CA SER A 848 31.11 -4.36 29.47
C SER A 848 29.86 -3.76 28.84
N LEU A 849 30.07 -2.79 27.96
CA LEU A 849 29.00 -2.08 27.28
C LEU A 849 29.08 -2.34 25.79
N GLN A 850 27.96 -2.76 25.20
CA GLN A 850 27.85 -2.99 23.77
C GLN A 850 27.10 -1.82 23.16
N SER A 851 27.76 -1.07 22.29
CA SER A 851 27.21 0.14 21.69
C SER A 851 26.74 -0.17 20.28
N GLU A 852 25.46 0.09 20.02
CA GLU A 852 24.87 -0.10 18.69
C GLU A 852 24.22 1.20 18.25
N ALA A 853 24.49 1.60 17.02
CA ALA A 853 23.87 2.78 16.42
C ALA A 853 22.52 2.39 15.82
N VAL A 854 21.51 3.22 16.06
CA VAL A 854 20.19 3.01 15.49
C VAL A 854 19.99 4.04 14.39
N GLN A 855 19.70 3.57 13.18
CA GLN A 855 19.77 4.42 11.99
C GLN A 855 18.68 5.48 12.05
N LEU A 856 18.98 6.65 11.53
CA LEU A 856 18.10 7.80 11.42
C LEU A 856 18.18 8.37 10.01
N PRO A 857 17.16 9.11 9.57
CA PRO A 857 17.18 9.63 8.21
C PRO A 857 17.85 10.98 7.93
N GLU A 858 18.41 11.05 6.72
CA GLU A 858 19.29 12.15 6.36
C GLU A 858 18.54 13.47 6.30
N GLY A 859 19.23 14.55 6.61
CA GLY A 859 18.65 15.89 6.59
C GLY A 859 17.72 16.21 7.73
N SER A 860 17.67 15.38 8.77
CA SER A 860 16.77 15.58 9.89
C SER A 860 17.51 15.39 11.21
N PHE A 861 16.98 16.04 12.25
CA PHE A 861 17.55 15.98 13.58
C PHE A 861 16.46 15.64 14.59
N ILE A 862 16.86 15.01 15.68
CA ILE A 862 15.94 14.57 16.72
C ILE A 862 15.75 15.70 17.73
N THR A 863 14.53 15.83 18.23
CA THR A 863 14.18 16.81 19.24
C THR A 863 13.83 16.20 20.59
N CYS A 864 12.98 15.17 20.61
CA CYS A 864 12.62 14.49 21.85
C CYS A 864 12.14 13.09 21.50
N GLY A 865 12.15 12.22 22.52
CA GLY A 865 11.76 10.84 22.32
C GLY A 865 11.18 10.24 23.59
N LYS A 866 10.56 9.08 23.43
CA LYS A 866 9.93 8.37 24.54
C LYS A 866 9.79 6.90 24.16
N ARG A 867 10.01 6.02 25.14
CA ARG A 867 9.89 4.59 24.96
C ARG A 867 8.56 4.09 25.51
N SER A 868 8.03 3.05 24.87
CA SER A 868 6.77 2.46 25.32
C SER A 868 6.93 1.81 26.68
N THR A 869 5.83 1.74 27.43
CA THR A 869 5.86 1.10 28.75
C THR A 869 6.20 -0.38 28.63
N ASP A 870 5.65 -1.05 27.63
CA ASP A 870 5.97 -2.46 27.41
C ASP A 870 7.41 -2.66 26.94
N GLY A 871 8.09 -1.60 26.53
CA GLY A 871 9.48 -1.72 26.12
C GLY A 871 9.72 -2.41 24.80
N ARG A 872 8.73 -2.40 23.90
CA ARG A 872 8.89 -3.01 22.59
C ARG A 872 9.21 -1.99 21.51
N TYR A 873 8.47 -0.88 21.46
CA TYR A 873 8.69 0.18 20.49
C TYR A 873 9.04 1.47 21.21
N LEU A 874 9.58 2.42 20.46
CA LEU A 874 9.82 3.75 20.99
C LEU A 874 9.64 4.79 19.88
N LEU A 875 9.26 6.00 20.28
CA LEU A 875 8.90 7.06 19.35
C LEU A 875 9.96 8.16 19.38
N LEU A 876 10.42 8.55 18.21
CA LEU A 876 11.38 9.65 18.06
C LEU A 876 10.71 10.82 17.35
N GLY A 877 10.82 12.01 17.94
CA GLY A 877 10.33 13.22 17.30
C GLY A 877 11.44 13.91 16.56
N THR A 878 11.16 14.34 15.33
CA THR A 878 12.13 15.00 14.47
C THR A 878 11.44 16.08 13.68
N SER A 879 12.25 16.92 13.02
CA SER A 879 11.72 18.03 12.24
C SER A 879 10.77 17.58 11.14
N GLU A 880 10.87 16.31 10.71
CA GLU A 880 9.97 15.77 9.71
C GLU A 880 8.74 15.10 10.30
N GLY A 881 8.78 14.70 11.57
CA GLY A 881 7.63 14.08 12.18
C GLY A 881 8.04 13.02 13.17
N LEU A 882 7.16 12.04 13.36
CA LEU A 882 7.39 10.97 14.32
C LEU A 882 7.91 9.72 13.61
N ILE A 883 8.80 9.02 14.29
CA ILE A 883 9.33 7.75 13.81
C ILE A 883 9.08 6.71 14.90
N VAL A 884 8.26 5.71 14.58
CA VAL A 884 7.99 4.59 15.47
C VAL A 884 9.00 3.50 15.14
N TYR A 885 9.85 3.18 16.12
CA TYR A 885 11.06 2.40 15.94
C TYR A 885 10.99 1.15 16.81
N ASP A 886 11.34 0.00 16.23
CA ASP A 886 11.29 -1.27 16.95
C ASP A 886 12.65 -1.55 17.59
N LEU A 887 12.64 -1.90 18.87
CA LEU A 887 13.89 -2.17 19.58
C LEU A 887 14.48 -3.53 19.20
N LYS A 888 13.64 -4.56 19.04
CA LYS A 888 14.15 -5.90 18.83
C LYS A 888 14.61 -6.17 17.40
N ILE A 889 14.29 -5.29 16.45
CA ILE A 889 14.78 -5.43 15.09
C ILE A 889 15.58 -4.22 14.63
N SER A 890 15.51 -3.09 15.34
CA SER A 890 16.27 -1.87 14.98
C SER A 890 15.94 -1.41 13.56
N ASP A 891 14.66 -1.47 13.20
CA ASP A 891 14.20 -0.98 11.90
C ASP A 891 13.07 0.01 12.12
N PRO A 892 13.01 1.10 11.34
CA PRO A 892 11.94 2.08 11.53
C PRO A 892 10.61 1.53 11.08
N VAL A 893 9.76 1.16 12.04
CA VAL A 893 8.51 0.47 11.71
C VAL A 893 7.53 1.43 11.03
N LEU A 894 7.36 2.62 11.59
CA LEU A 894 6.31 3.51 11.12
C LEU A 894 6.79 4.96 11.11
N ARG A 895 6.09 5.79 10.33
CA ARG A 895 6.35 7.22 10.27
C ARG A 895 5.04 7.97 10.40
N SER A 896 5.08 9.12 11.08
CA SER A 896 3.88 9.92 11.27
C SER A 896 3.39 10.50 9.96
N ASN A 897 2.06 10.63 9.84
CA ASN A 897 1.42 11.06 8.61
C ASN A 897 1.70 12.53 8.28
N VAL A 898 2.25 13.30 9.20
CA VAL A 898 2.40 14.75 9.03
C VAL A 898 3.88 15.09 8.99
N SER A 899 4.26 15.93 8.02
CA SER A 899 5.61 16.47 7.93
C SER A 899 5.64 17.79 8.69
N GLU A 900 5.99 17.73 9.97
CA GLU A 900 5.94 18.89 10.84
C GLU A 900 7.02 18.77 11.91
N HIS A 901 7.40 19.90 12.49
CA HIS A 901 8.41 19.96 13.53
C HIS A 901 7.76 19.58 14.85
N ILE A 902 8.13 18.42 15.39
CA ILE A 902 7.50 17.89 16.59
C ILE A 902 8.24 18.40 17.82
N GLU A 903 7.49 18.86 18.82
CA GLU A 903 8.06 19.34 20.07
C GLU A 903 7.77 18.45 21.27
N CYS A 904 6.89 17.46 21.13
CA CYS A 904 6.58 16.57 22.23
C CYS A 904 6.04 15.25 21.70
N VAL A 905 6.43 14.15 22.34
CA VAL A 905 5.98 12.82 21.97
C VAL A 905 5.58 12.08 23.24
N ASP A 906 4.51 11.30 23.15
CA ASP A 906 4.06 10.47 24.25
C ASP A 906 3.38 9.22 23.71
N ILE A 907 3.46 8.14 24.47
CA ILE A 907 2.86 6.86 24.09
C ILE A 907 2.13 6.30 25.31
N TYR A 908 1.02 5.61 25.07
CA TYR A 908 0.18 5.06 26.13
C TYR A 908 -0.23 3.64 25.74
N GLU A 909 0.28 2.66 26.47
CA GLU A 909 -0.13 1.28 26.28
C GLU A 909 -1.61 1.14 26.62
N LEU A 910 -2.32 0.32 25.84
CA LEU A 910 -3.77 0.24 25.94
C LEU A 910 -4.19 -1.21 26.10
N PHE A 911 -5.30 -1.43 26.80
CA PHE A 911 -5.81 -2.77 27.08
C PHE A 911 -7.04 -3.04 26.22
N ASP A 912 -6.79 -3.61 25.05
CA ASP A 912 -7.86 -4.00 24.13
C ASP A 912 -7.27 -4.94 23.09
N PRO A 913 -8.04 -5.93 22.64
CA PRO A 913 -7.53 -6.82 21.58
C PRO A 913 -7.24 -6.12 20.27
N VAL A 914 -7.82 -4.96 20.02
CA VAL A 914 -7.70 -4.26 18.75
C VAL A 914 -6.71 -3.09 18.84
N TYR A 915 -7.01 -2.09 19.67
CA TYR A 915 -6.14 -0.94 19.83
C TYR A 915 -5.09 -1.21 20.90
N LYS A 916 -3.84 -0.86 20.60
CA LYS A 916 -2.71 -1.17 21.47
C LYS A 916 -2.05 0.08 22.06
N TYR A 917 -1.85 1.12 21.26
CA TYR A 917 -1.15 2.31 21.73
C TYR A 917 -1.85 3.57 21.24
N ILE A 918 -1.72 4.63 22.03
CA ILE A 918 -2.17 5.98 21.67
C ILE A 918 -0.95 6.89 21.63
N VAL A 919 -0.85 7.68 20.56
CA VAL A 919 0.32 8.52 20.31
C VAL A 919 -0.12 9.98 20.32
N LEU A 920 0.58 10.79 21.11
CA LEU A 920 0.35 12.23 21.16
C LEU A 920 1.57 12.97 20.63
N CYS A 921 1.33 14.02 19.86
CA CYS A 921 2.43 14.82 19.32
C CYS A 921 1.98 16.26 19.14
N GLY A 922 2.84 17.20 19.55
CA GLY A 922 2.57 18.62 19.42
C GLY A 922 3.49 19.24 18.38
N ALA A 923 2.99 20.25 17.69
CA ALA A 923 3.69 20.87 16.58
C ALA A 923 4.15 22.27 16.95
N LYS A 924 5.37 22.61 16.52
CA LYS A 924 5.90 23.95 16.73
C LYS A 924 5.19 24.94 15.81
N GLY A 925 4.74 26.05 16.38
CA GLY A 925 4.04 27.07 15.62
C GLY A 925 2.57 26.80 15.39
N LYS A 926 2.04 25.68 15.88
CA LYS A 926 0.64 25.34 15.74
C LYS A 926 -0.05 25.38 17.09
N GLN A 927 -1.35 25.66 17.06
CA GLN A 927 -2.18 25.72 18.26
C GLN A 927 -3.00 24.44 18.46
N VAL A 928 -2.56 23.34 17.87
CA VAL A 928 -3.24 22.06 18.01
C VAL A 928 -2.22 21.01 18.43
N VAL A 929 -2.73 19.92 19.01
CA VAL A 929 -1.94 18.75 19.35
C VAL A 929 -2.63 17.53 18.76
N HIS A 930 -1.87 16.70 18.07
CA HIS A 930 -2.42 15.58 17.31
C HIS A 930 -2.43 14.31 18.15
N VAL A 931 -3.52 13.55 18.03
CA VAL A 931 -3.69 12.28 18.73
C VAL A 931 -3.80 11.19 17.68
N HIS A 932 -2.93 10.19 17.76
CA HIS A 932 -2.92 9.06 16.84
C HIS A 932 -3.05 7.76 17.62
N THR A 933 -3.84 6.83 17.09
CA THR A 933 -4.09 5.55 17.73
C THR A 933 -3.41 4.44 16.92
N LEU A 934 -2.89 3.45 17.63
CA LEU A 934 -2.19 2.33 17.03
C LEU A 934 -3.04 1.07 17.14
N ARG A 935 -3.16 0.35 16.03
CA ARG A 935 -3.92 -0.90 15.98
C ARG A 935 -3.02 -2.02 15.52
N SER A 936 -3.14 -3.17 16.18
CA SER A 936 -2.31 -4.33 15.84
C SER A 936 -2.75 -4.93 14.51
N ILE A 948 1.67 -3.33 13.80
CA ILE A 948 1.06 -2.06 14.17
C ILE A 948 0.86 -1.19 12.95
N ALA A 949 -0.22 -0.41 12.93
CA ALA A 949 -0.49 0.50 11.83
C ALA A 949 -1.39 1.62 12.33
N TRP A 950 -1.36 2.74 11.60
CA TRP A 950 -2.24 3.86 11.92
C TRP A 950 -3.68 3.51 11.60
N VAL A 951 -4.60 3.98 12.45
CA VAL A 951 -6.02 3.69 12.23
C VAL A 951 -6.60 4.59 11.15
N HIS A 952 -5.88 5.64 10.75
CA HIS A 952 -6.37 6.57 9.74
C HIS A 952 -6.50 5.90 8.38
N LEU A 965 -16.05 11.11 20.09
CA LEU A 965 -15.66 9.73 20.34
C LEU A 965 -14.24 9.62 20.87
N GLU A 966 -14.07 8.87 21.95
CA GLU A 966 -12.76 8.69 22.54
C GLU A 966 -11.84 7.93 21.57
N PRO A 967 -10.54 8.21 21.59
CA PRO A 967 -9.61 7.53 20.69
C PRO A 967 -9.31 6.08 21.07
N ASN A 968 -10.02 5.52 22.04
CA ASN A 968 -9.84 4.13 22.45
C ASN A 968 -11.16 3.38 22.49
N VAL A 969 -12.11 3.78 21.64
CA VAL A 969 -13.43 3.15 21.59
C VAL A 969 -13.89 3.15 20.14
N TYR A 970 -14.61 2.10 19.76
CA TYR A 970 -15.09 1.95 18.39
C TYR A 970 -16.43 1.22 18.43
N LEU A 971 -17.31 1.58 17.50
CA LEU A 971 -18.56 0.85 17.34
C LEU A 971 -18.26 -0.54 16.78
N ARG A 972 -18.93 -1.54 17.36
CA ARG A 972 -18.68 -2.93 16.96
C ARG A 972 -19.63 -3.34 15.84
N SER A 973 -20.93 -3.36 16.14
CA SER A 973 -21.99 -3.70 15.22
C SER A 973 -23.32 -3.68 15.96
N LEU A 974 -23.95 -4.85 16.06
CA LEU A 974 -25.17 -5.07 16.85
C LEU A 974 -26.18 -3.93 16.71
N MET A 975 -26.57 -3.63 15.48
CA MET A 975 -27.50 -2.54 15.20
C MET A 975 -28.84 -2.83 15.83
N ASP A 976 -29.75 -1.86 15.71
CA ASP A 976 -31.16 -2.12 15.95
C ASP A 976 -31.94 -0.98 15.31
N MET A 977 -33.06 -1.34 14.70
CA MET A 977 -33.93 -0.43 13.97
C MET A 977 -35.33 -0.52 14.55
N THR A 978 -35.94 0.64 14.80
CA THR A 978 -37.30 0.68 15.32
C THR A 978 -38.30 0.31 14.24
N ARG A 979 -39.44 -0.25 14.69
CA ARG A 979 -40.47 -0.66 13.74
C ARG A 979 -41.02 0.53 12.96
N GLU A 980 -41.27 1.65 13.65
CA GLU A 980 -41.77 2.85 12.98
C GLU A 980 -40.71 3.54 12.14
N ARG A 981 -39.45 3.11 12.23
CA ARG A 981 -38.36 3.68 11.45
C ARG A 981 -38.20 5.17 11.77
N THR A 982 -37.80 5.47 13.01
CA THR A 982 -37.50 6.84 13.39
C THR A 982 -36.18 7.00 14.13
N GLN A 983 -35.68 5.93 14.75
CA GLN A 983 -34.45 5.99 15.54
C GLN A 983 -33.62 4.75 15.26
N LEU A 984 -32.30 4.92 15.22
CA LEU A 984 -31.38 3.81 15.04
C LEU A 984 -30.48 3.70 16.26
N LEU A 985 -30.29 2.47 16.75
CA LEU A 985 -29.52 2.22 17.96
C LEU A 985 -28.28 1.41 17.61
N ALA A 986 -27.15 1.80 18.18
CA ALA A 986 -25.89 1.09 17.98
C ALA A 986 -25.17 0.94 19.32
N VAL A 987 -24.18 0.06 19.35
CA VAL A 987 -23.38 -0.18 20.55
C VAL A 987 -21.90 -0.04 20.17
N ASP A 988 -21.12 0.51 21.08
CA ASP A 988 -19.68 0.66 20.91
C ASP A 988 -18.93 -0.40 21.71
N SER A 989 -17.60 -0.31 21.66
CA SER A 989 -16.76 -1.28 22.36
C SER A 989 -16.79 -1.10 23.88
N LYS A 990 -17.37 0.01 24.36
CA LYS A 990 -17.46 0.26 25.79
C LYS A 990 -18.89 0.17 26.30
N GLU A 991 -19.73 -0.65 25.66
CA GLU A 991 -21.08 -0.96 26.12
C GLU A 991 -21.95 0.29 26.30
N ARG A 992 -21.74 1.30 25.48
CA ARG A 992 -22.61 2.48 25.47
C ARG A 992 -23.51 2.43 24.24
N ILE A 993 -24.78 2.80 24.42
CA ILE A 993 -25.76 2.73 23.35
C ILE A 993 -25.90 4.11 22.74
N HIS A 994 -25.61 4.22 21.46
CA HIS A 994 -25.73 5.46 20.71
C HIS A 994 -27.05 5.48 19.97
N LEU A 995 -27.79 6.58 20.14
CA LEU A 995 -29.07 6.78 19.46
C LEU A 995 -28.86 7.85 18.38
N ILE A 996 -29.24 7.52 17.14
CA ILE A 996 -29.12 8.46 16.03
C ILE A 996 -30.48 8.59 15.38
N LYS A 997 -30.89 9.83 15.12
CA LYS A 997 -32.19 10.12 14.54
C LYS A 997 -32.08 10.44 13.06
N TRP A 1006 -27.72 12.91 17.72
CA TRP A 1006 -26.98 11.76 18.25
C TRP A 1006 -26.82 11.94 19.76
N SER A 1007 -27.24 10.92 20.52
CA SER A 1007 -27.14 10.93 21.97
C SER A 1007 -26.51 9.62 22.44
N THR A 1008 -25.97 9.64 23.65
CA THR A 1008 -25.31 8.47 24.23
C THR A 1008 -25.98 8.11 25.55
N ILE A 1009 -26.27 6.82 25.73
CA ILE A 1009 -26.89 6.31 26.95
C ILE A 1009 -25.96 5.23 27.52
N THR A 1010 -25.68 5.32 28.82
CA THR A 1010 -24.86 4.33 29.49
C THR A 1010 -25.72 3.50 30.43
N PRO A 1011 -25.79 2.19 30.24
CA PRO A 1011 -26.57 1.37 31.18
C PRO A 1011 -25.82 1.12 32.47
N THR A 1012 -26.57 0.77 33.51
CA THR A 1012 -25.99 0.60 34.83
C THR A 1012 -25.07 -0.62 34.90
N HIS A 1013 -25.46 -1.72 34.27
CA HIS A 1013 -24.71 -2.97 34.37
C HIS A 1013 -23.37 -2.92 33.63
N ALA A 1014 -23.13 -1.90 32.81
CA ALA A 1014 -21.86 -1.81 32.09
C ALA A 1014 -20.67 -1.71 33.02
N ALA A 1015 -20.88 -1.29 34.27
CA ALA A 1015 -19.80 -1.24 35.25
C ALA A 1015 -19.35 -2.62 35.70
N SER A 1016 -20.11 -3.66 35.38
CA SER A 1016 -19.77 -5.02 35.77
C SER A 1016 -18.89 -5.72 34.74
N ASN A 1017 -18.43 -5.00 33.72
CA ASN A 1017 -17.56 -5.55 32.67
C ASN A 1017 -18.20 -6.72 31.95
N CYS A 1018 -19.51 -6.68 31.75
CA CYS A 1018 -20.23 -7.71 31.01
C CYS A 1018 -20.41 -7.25 29.57
N LYS A 1019 -19.92 -8.04 28.63
CA LYS A 1019 -19.95 -7.67 27.21
C LYS A 1019 -21.38 -7.59 26.72
N ILE A 1020 -21.64 -6.66 25.81
CA ILE A 1020 -22.97 -6.45 25.25
C ILE A 1020 -23.17 -7.46 24.13
N ASN A 1021 -24.29 -8.20 24.16
CA ASN A 1021 -24.47 -9.30 23.23
C ASN A 1021 -25.70 -9.17 22.34
N ALA A 1022 -26.76 -8.51 22.78
CA ALA A 1022 -27.95 -8.39 21.94
C ALA A 1022 -28.75 -7.15 22.35
N ILE A 1023 -29.40 -6.52 21.37
CA ILE A 1023 -30.21 -5.33 21.58
C ILE A 1023 -31.46 -5.44 20.71
N SER A 1024 -32.60 -4.97 21.23
CA SER A 1024 -33.85 -5.01 20.50
C SER A 1024 -34.74 -3.83 20.89
N ALA A 1025 -35.29 -3.14 19.89
CA ALA A 1025 -36.22 -2.05 20.12
C ALA A 1025 -37.42 -2.21 19.20
N PHE A 1026 -38.59 -1.79 19.69
CA PHE A 1026 -39.84 -1.80 18.96
C PHE A 1026 -40.33 -0.38 18.69
N ASN A 1027 -40.42 0.43 19.74
CA ASN A 1027 -40.75 1.84 19.65
C ASN A 1027 -39.62 2.62 20.30
N ASP A 1028 -39.85 3.92 20.48
CA ASP A 1028 -38.86 4.76 21.13
C ASP A 1028 -38.86 4.60 22.65
N GLU A 1029 -39.81 3.86 23.21
CA GLU A 1029 -39.93 3.72 24.66
C GLU A 1029 -39.55 2.35 25.20
N GLN A 1030 -39.51 1.31 24.35
CA GLN A 1030 -39.13 -0.04 24.79
C GLN A 1030 -37.85 -0.45 24.10
N ILE A 1031 -36.76 -0.50 24.86
CA ILE A 1031 -35.47 -0.96 24.38
C ILE A 1031 -34.93 -1.97 25.39
N PHE A 1032 -34.66 -3.19 24.93
CA PHE A 1032 -34.19 -4.27 25.78
C PHE A 1032 -32.82 -4.73 25.32
N VAL A 1033 -32.00 -5.19 26.26
CA VAL A 1033 -30.63 -5.56 25.98
C VAL A 1033 -30.26 -6.79 26.80
N GLY A 1034 -29.47 -7.67 26.18
CA GLY A 1034 -29.03 -8.90 26.82
C GLY A 1034 -27.51 -9.01 26.76
N TYR A 1035 -26.91 -9.41 27.88
CA TYR A 1035 -25.47 -9.49 28.06
C TYR A 1035 -24.96 -10.89 27.80
N VAL A 1036 -23.69 -11.10 28.16
CA VAL A 1036 -23.03 -12.37 27.91
C VAL A 1036 -23.24 -13.34 29.07
N ASP A 1037 -23.85 -12.89 30.16
CA ASP A 1037 -24.10 -13.74 31.33
C ASP A 1037 -25.58 -14.01 31.56
N GLY A 1038 -26.39 -13.99 30.51
CA GLY A 1038 -27.81 -14.24 30.64
C GLY A 1038 -28.59 -13.20 31.41
N VAL A 1039 -28.34 -11.92 31.16
CA VAL A 1039 -28.93 -10.83 31.93
C VAL A 1039 -29.70 -9.91 31.00
N ILE A 1040 -30.93 -9.57 31.39
CA ILE A 1040 -31.82 -8.73 30.59
C ILE A 1040 -32.02 -7.40 31.31
N ILE A 1041 -31.70 -6.30 30.62
CA ILE A 1041 -31.96 -4.95 31.11
C ILE A 1041 -32.92 -4.24 30.16
N ASP A 1042 -33.92 -3.57 30.73
CA ASP A 1042 -34.64 -2.53 30.00
C ASP A 1042 -33.80 -1.27 30.08
N VAL A 1043 -33.36 -0.77 28.92
CA VAL A 1043 -32.39 0.32 28.90
C VAL A 1043 -32.97 1.61 29.47
N ILE A 1044 -34.18 1.98 29.04
CA ILE A 1044 -34.73 3.27 29.45
C ILE A 1044 -35.10 3.26 30.93
N HIS A 1045 -35.74 2.20 31.40
CA HIS A 1045 -36.18 2.12 32.79
C HIS A 1045 -35.10 1.59 33.72
N ASP A 1046 -33.99 1.07 33.18
CA ASP A 1046 -32.88 0.55 33.99
C ASP A 1046 -33.36 -0.48 35.00
N THR A 1047 -34.24 -1.38 34.55
CA THR A 1047 -34.79 -2.44 35.38
C THR A 1047 -34.35 -3.79 34.84
N ALA A 1048 -33.95 -4.69 35.73
CA ALA A 1048 -33.49 -6.01 35.34
C ALA A 1048 -34.61 -7.03 35.47
N LEU A 1049 -34.84 -7.80 34.41
CA LEU A 1049 -35.87 -8.82 34.44
C LEU A 1049 -35.40 -10.01 35.28
N PRO A 1050 -36.34 -10.85 35.78
CA PRO A 1050 -35.97 -11.97 36.66
C PRO A 1050 -34.81 -12.82 36.17
N GLN A 1051 -33.78 -12.95 37.01
CA GLN A 1051 -32.56 -13.69 36.66
C GLN A 1051 -32.55 -15.09 37.29
N GLN A 1052 -33.39 -15.99 36.77
CA GLN A 1052 -33.31 -17.38 37.20
C GLN A 1052 -33.55 -18.37 36.06
N PHE A 1053 -33.37 -17.95 34.81
CA PHE A 1053 -33.59 -18.86 33.69
C PHE A 1053 -32.36 -19.11 32.83
N ILE A 1054 -31.63 -18.06 32.43
CA ILE A 1054 -30.53 -18.21 31.49
C ILE A 1054 -29.26 -17.64 32.10
N GLU A 1055 -28.21 -18.45 32.14
CA GLU A 1055 -26.90 -18.02 32.64
C GLU A 1055 -25.86 -17.93 31.53
N GLU A 1056 -26.18 -18.39 30.32
CA GLU A 1056 -25.26 -18.43 29.21
C GLU A 1056 -25.36 -17.15 28.39
N PRO A 1057 -24.41 -16.90 27.49
CA PRO A 1057 -24.51 -15.73 26.62
C PRO A 1057 -25.80 -15.74 25.80
N ILE A 1058 -26.41 -14.56 25.67
CA ILE A 1058 -27.69 -14.42 24.99
C ILE A 1058 -27.42 -14.06 23.54
N ASP A 1059 -27.67 -15.00 22.63
CA ASP A 1059 -27.32 -14.80 21.23
C ASP A 1059 -28.43 -14.13 20.43
N TYR A 1060 -29.65 -14.06 20.96
CA TYR A 1060 -30.78 -13.49 20.24
C TYR A 1060 -31.68 -12.79 21.24
N LEU A 1061 -32.06 -11.55 20.91
CA LEU A 1061 -33.05 -10.80 21.69
C LEU A 1061 -33.88 -9.96 20.74
N LYS A 1062 -35.19 -10.21 20.71
CA LYS A 1062 -36.10 -9.41 19.90
C LYS A 1062 -37.52 -9.62 20.39
N GLN A 1063 -38.26 -8.53 20.51
CA GLN A 1063 -39.67 -8.59 20.90
C GLN A 1063 -40.55 -8.37 19.67
N VAL A 1064 -41.54 -9.23 19.50
CA VAL A 1064 -42.33 -9.22 18.28
C VAL A 1064 -43.61 -8.40 18.45
N SER A 1065 -44.23 -8.45 19.63
CA SER A 1065 -45.42 -7.69 19.92
C SER A 1065 -45.17 -6.89 21.19
N PRO A 1066 -45.88 -5.76 21.38
CA PRO A 1066 -45.57 -4.85 22.50
C PRO A 1066 -45.63 -5.51 23.87
N ASN A 1067 -46.16 -6.72 23.96
CA ASN A 1067 -46.28 -7.41 25.25
C ASN A 1067 -45.53 -8.73 25.32
N ILE A 1068 -44.78 -9.11 24.28
CA ILE A 1068 -44.05 -10.36 24.26
C ILE A 1068 -42.58 -10.09 23.93
N LEU A 1069 -41.70 -10.97 24.40
CA LEU A 1069 -40.27 -10.90 24.17
C LEU A 1069 -39.72 -12.32 24.11
N VAL A 1070 -38.70 -12.55 23.29
CA VAL A 1070 -38.06 -13.86 23.18
C VAL A 1070 -36.57 -13.68 23.38
N ALA A 1071 -35.97 -14.60 24.13
CA ALA A 1071 -34.53 -14.63 24.35
C ALA A 1071 -34.05 -16.07 24.24
N SER A 1072 -32.82 -16.27 23.76
CA SER A 1072 -32.32 -17.61 23.55
C SER A 1072 -30.83 -17.67 23.81
N ALA A 1073 -30.38 -18.82 24.33
CA ALA A 1073 -28.97 -19.14 24.50
C ALA A 1073 -28.66 -20.31 23.57
N HIS A 1074 -27.81 -20.06 22.57
CA HIS A 1074 -27.52 -21.10 21.58
C HIS A 1074 -26.63 -22.19 22.16
N SER A 1075 -25.66 -21.81 23.00
CA SER A 1075 -24.78 -22.80 23.61
C SER A 1075 -25.54 -23.77 24.50
N ALA A 1076 -26.51 -23.26 25.27
CA ALA A 1076 -27.36 -24.11 26.10
C ALA A 1076 -28.60 -24.60 25.37
N GLN A 1077 -28.84 -24.13 24.15
CA GLN A 1077 -30.02 -24.50 23.36
C GLN A 1077 -31.30 -24.27 24.16
N LYS A 1078 -31.40 -23.08 24.76
CA LYS A 1078 -32.51 -22.76 25.65
C LYS A 1078 -33.22 -21.51 25.14
N THR A 1079 -34.53 -21.44 25.38
CA THR A 1079 -35.33 -20.27 25.01
C THR A 1079 -36.25 -19.89 26.16
N VAL A 1080 -36.43 -18.60 26.35
CA VAL A 1080 -37.36 -18.06 27.34
C VAL A 1080 -38.20 -16.98 26.67
N ILE A 1081 -39.52 -17.07 26.85
CA ILE A 1081 -40.45 -16.09 26.33
C ILE A 1081 -41.03 -15.30 27.50
N PHE A 1082 -40.82 -13.99 27.48
CA PHE A 1082 -41.29 -13.09 28.52
C PHE A 1082 -42.58 -12.42 28.08
N GLN A 1083 -43.54 -12.33 28.99
CA GLN A 1083 -44.78 -11.59 28.76
C GLN A 1083 -44.66 -10.25 29.47
N LEU A 1084 -44.61 -9.16 28.70
CA LEU A 1084 -44.46 -7.84 29.26
C LEU A 1084 -45.81 -7.26 29.68
N TRP A 1096 -45.55 -18.20 32.71
CA TRP A 1096 -44.87 -17.03 32.17
C TRP A 1096 -43.84 -16.51 33.17
N PRO A 1097 -42.60 -16.26 32.72
CA PRO A 1097 -42.04 -16.56 31.39
C PRO A 1097 -42.00 -18.05 31.07
N LEU A 1098 -42.01 -18.42 29.79
CA LEU A 1098 -42.07 -19.81 29.39
C LEU A 1098 -40.70 -20.30 28.95
N MET A 1099 -40.37 -21.55 29.27
CA MET A 1099 -39.07 -22.15 28.99
C MET A 1099 -39.19 -23.28 27.98
N MET A 1100 -38.43 -23.16 26.89
CA MET A 1100 -38.29 -24.23 25.90
C MET A 1100 -36.84 -24.69 25.87
N ASP A 1101 -36.64 -25.98 25.61
CA ASP A 1101 -35.30 -26.50 25.34
C ASP A 1101 -34.95 -26.44 23.86
N VAL A 1102 -35.12 -25.27 23.25
CA VAL A 1102 -34.91 -25.08 21.81
C VAL A 1102 -34.08 -23.82 21.62
N SER A 1103 -33.23 -23.83 20.59
CA SER A 1103 -32.47 -22.65 20.21
C SER A 1103 -33.14 -22.00 19.00
N THR A 1104 -33.44 -20.71 19.09
CA THR A 1104 -34.20 -20.01 18.06
C THR A 1104 -33.31 -19.01 17.34
N LYS A 1105 -33.32 -19.08 15.99
CA LYS A 1105 -32.61 -18.11 15.17
C LYS A 1105 -33.52 -17.03 14.61
N TYR A 1106 -34.84 -17.18 14.73
CA TYR A 1106 -35.77 -16.16 14.26
C TYR A 1106 -37.13 -16.43 14.88
N ALA A 1107 -37.84 -15.36 15.23
CA ALA A 1107 -39.16 -15.45 15.83
C ALA A 1107 -40.13 -14.57 15.06
N SER A 1108 -41.38 -15.04 14.95
CA SER A 1108 -42.42 -14.29 14.25
C SER A 1108 -43.77 -14.52 14.92
N LEU A 1109 -44.70 -13.60 14.71
CA LEU A 1109 -46.06 -13.71 15.22
C LEU A 1109 -47.02 -13.78 14.03
N GLN A 1110 -47.99 -14.68 14.11
CA GLN A 1110 -48.99 -14.87 13.07
C GLN A 1110 -50.37 -14.81 13.68
N GLU A 1111 -51.23 -13.95 13.11
CA GLU A 1111 -52.62 -13.77 13.52
C GLU A 1111 -52.75 -13.33 14.98
N GLY A 1112 -51.66 -12.81 15.56
CA GLY A 1112 -51.68 -12.47 16.97
C GLY A 1112 -51.88 -13.64 17.90
N GLN A 1113 -51.72 -14.86 17.41
CA GLN A 1113 -51.99 -16.08 18.17
C GLN A 1113 -50.83 -17.05 18.16
N TYR A 1114 -50.12 -17.18 17.05
CA TYR A 1114 -49.13 -18.23 16.88
C TYR A 1114 -47.73 -17.64 16.82
N ILE A 1115 -46.85 -18.12 17.67
CA ILE A 1115 -45.45 -17.69 17.71
C ILE A 1115 -44.62 -18.76 17.02
N ILE A 1116 -43.96 -18.39 15.93
CA ILE A 1116 -43.17 -19.32 15.13
C ILE A 1116 -41.70 -19.08 15.45
N LEU A 1117 -41.00 -20.15 15.81
CA LEU A 1117 -39.59 -20.12 16.16
C LEU A 1117 -38.81 -20.99 15.17
N PHE A 1118 -37.73 -20.45 14.63
CA PHE A 1118 -36.87 -21.17 13.70
C PHE A 1118 -35.63 -21.66 14.45
N SER A 1119 -35.41 -22.97 14.41
CA SER A 1119 -34.30 -23.59 15.12
C SER A 1119 -33.31 -24.19 14.15
N ASP A 1120 -32.15 -24.58 14.68
CA ASP A 1120 -31.15 -25.29 13.88
C ASP A 1120 -31.64 -26.68 13.48
N HIS A 1121 -32.69 -27.18 14.10
CA HIS A 1121 -33.18 -28.53 13.85
C HIS A 1121 -34.59 -28.58 13.27
N GLY A 1122 -35.26 -27.44 13.16
CA GLY A 1122 -36.60 -27.43 12.61
C GLY A 1122 -37.36 -26.18 13.06
N VAL A 1123 -38.63 -26.15 12.68
CA VAL A 1123 -39.51 -25.03 12.97
C VAL A 1123 -40.52 -25.47 14.03
N CYS A 1124 -40.75 -24.62 15.02
CA CYS A 1124 -41.72 -24.88 16.07
C CYS A 1124 -42.75 -23.78 16.12
N HIS A 1125 -43.97 -24.11 16.55
CA HIS A 1125 -45.03 -23.15 16.69
C HIS A 1125 -45.66 -23.27 18.07
N LEU A 1126 -45.97 -22.12 18.68
CA LEU A 1126 -46.54 -22.04 20.01
C LEU A 1126 -47.87 -21.29 19.94
N ASP A 1127 -48.87 -21.78 20.66
CA ASP A 1127 -50.14 -21.08 20.79
C ASP A 1127 -50.11 -20.23 22.05
N ILE A 1128 -50.46 -18.95 21.93
CA ILE A 1128 -50.50 -18.08 23.09
C ILE A 1128 -51.58 -18.52 24.07
N ALA A 1129 -52.77 -18.88 23.56
CA ALA A 1129 -53.86 -19.31 24.43
C ALA A 1129 -53.57 -20.64 25.11
N ASN A 1130 -52.84 -21.54 24.47
CA ASN A 1130 -52.53 -22.86 25.03
C ASN A 1130 -51.02 -23.09 24.95
N PRO A 1131 -50.26 -22.50 25.86
CA PRO A 1131 -48.80 -22.72 25.84
C PRO A 1131 -48.38 -24.16 26.08
N SER A 1132 -49.24 -24.97 26.70
CA SER A 1132 -48.93 -26.37 26.94
C SER A 1132 -48.90 -27.22 25.67
N ALA A 1133 -49.39 -26.68 24.55
CA ALA A 1133 -49.43 -27.41 23.28
C ALA A 1133 -48.20 -27.15 22.42
N PHE A 1134 -47.06 -26.87 23.05
CA PHE A 1134 -45.83 -26.65 22.30
C PHE A 1134 -45.45 -27.91 21.52
N VAL A 1135 -45.11 -27.72 20.25
CA VAL A 1135 -44.81 -28.83 19.35
C VAL A 1135 -43.30 -28.93 19.20
N LYS A 1136 -42.74 -30.03 19.69
CA LYS A 1136 -41.30 -30.26 19.63
C LYS A 1136 -40.86 -30.53 18.19
N PRO A 1137 -39.65 -30.12 17.83
CA PRO A 1137 -39.20 -30.31 16.44
C PRO A 1137 -38.81 -31.76 16.19
N LYS A 1138 -39.18 -32.25 15.02
CA LYS A 1138 -38.74 -33.58 14.60
C LYS A 1138 -37.22 -33.60 14.45
N ASP A 1139 -36.60 -34.70 14.90
CA ASP A 1139 -35.15 -34.74 14.97
C ASP A 1139 -34.53 -34.88 13.58
N SER A 1140 -34.51 -33.78 12.83
CA SER A 1140 -33.91 -33.77 11.50
C SER A 1140 -32.39 -33.68 11.63
N GLU A 1141 -31.69 -34.52 10.86
CA GLU A 1141 -30.23 -34.50 10.88
C GLU A 1141 -29.67 -33.33 10.08
N GLU A 1142 -30.52 -32.54 9.43
CA GLU A 1142 -30.08 -31.47 8.54
C GLU A 1142 -30.32 -30.12 9.21
N TYR A 1143 -29.31 -29.25 9.14
CA TYR A 1143 -29.39 -27.92 9.72
C TYR A 1143 -30.08 -26.97 8.75
N ILE A 1144 -30.75 -25.96 9.30
CA ILE A 1144 -31.41 -24.95 8.46
C ILE A 1144 -30.44 -23.78 8.25
N VAL A 1145 -30.17 -23.47 6.98
CA VAL A 1145 -29.23 -22.40 6.65
C VAL A 1145 -29.91 -21.15 6.14
N GLY A 1146 -31.08 -21.26 5.50
CA GLY A 1146 -31.80 -20.10 5.01
C GLY A 1146 -33.29 -20.30 5.09
N PHE A 1147 -34.03 -19.22 5.33
CA PHE A 1147 -35.47 -19.32 5.57
C PHE A 1147 -36.09 -17.94 5.50
N ASP A 1148 -37.42 -17.93 5.28
CA ASP A 1148 -38.22 -16.72 5.38
C ASP A 1148 -39.69 -17.12 5.36
N LEU A 1149 -40.51 -16.35 6.07
CA LEU A 1149 -41.95 -16.56 6.10
C LEU A 1149 -42.61 -15.31 5.51
N LYS A 1150 -43.28 -15.46 4.37
CA LYS A 1150 -43.97 -14.36 3.73
C LYS A 1150 -45.28 -14.88 3.14
N ASN A 1151 -46.35 -14.08 3.30
CA ASN A 1151 -47.67 -14.41 2.75
C ASN A 1151 -48.12 -15.80 3.19
N SER A 1152 -47.88 -16.13 4.45
CA SER A 1152 -48.21 -17.41 5.06
C SER A 1152 -47.57 -18.60 4.36
N LEU A 1153 -46.51 -18.36 3.58
CA LEU A 1153 -45.76 -19.43 2.94
C LEU A 1153 -44.40 -19.52 3.60
N LEU A 1154 -44.01 -20.73 4.01
CA LEU A 1154 -42.77 -20.96 4.74
C LEU A 1154 -41.75 -21.54 3.77
N PHE A 1155 -40.62 -20.85 3.60
CA PHE A 1155 -39.50 -21.33 2.80
C PHE A 1155 -38.41 -21.79 3.76
N LEU A 1156 -37.78 -22.92 3.46
CA LEU A 1156 -36.74 -23.48 4.30
C LEU A 1156 -35.64 -24.07 3.42
N ALA A 1157 -34.40 -23.80 3.78
CA ALA A 1157 -33.24 -24.29 3.02
C ALA A 1157 -32.32 -25.06 3.94
N TYR A 1158 -31.88 -26.24 3.48
CA TYR A 1158 -30.98 -27.09 4.24
C TYR A 1158 -29.55 -26.97 3.72
N GLU A 1159 -28.62 -27.54 4.49
CA GLU A 1159 -27.21 -27.45 4.13
C GLU A 1159 -26.89 -28.21 2.85
N ASN A 1160 -27.72 -29.18 2.48
CA ASN A 1160 -27.51 -29.97 1.28
C ASN A 1160 -28.18 -29.38 0.05
N ASN A 1161 -28.40 -28.05 0.03
CA ASN A 1161 -28.98 -27.35 -1.11
C ASN A 1161 -30.37 -27.87 -1.47
N ILE A 1162 -31.25 -28.02 -0.49
CA ILE A 1162 -32.63 -28.42 -0.71
C ILE A 1162 -33.55 -27.37 -0.10
N ILE A 1163 -34.53 -26.92 -0.87
CA ILE A 1163 -35.58 -26.04 -0.37
C ILE A 1163 -36.86 -26.84 -0.20
N ASP A 1164 -37.49 -26.66 0.95
CA ASP A 1164 -38.85 -27.09 1.23
C ASP A 1164 -39.73 -25.85 1.30
N VAL A 1165 -40.83 -25.83 0.58
CA VAL A 1165 -41.79 -24.75 0.67
C VAL A 1165 -43.13 -25.33 1.13
N PHE A 1166 -43.70 -24.71 2.16
CA PHE A 1166 -44.94 -25.14 2.79
C PHE A 1166 -45.94 -24.00 2.78
N ARG A 1167 -47.23 -24.35 2.82
CA ARG A 1167 -48.30 -23.37 3.00
C ARG A 1167 -48.87 -23.50 4.40
N LEU A 1168 -48.96 -22.38 5.11
CA LEU A 1168 -49.50 -22.35 6.46
C LEU A 1168 -51.01 -22.19 6.39
N ILE A 1169 -51.73 -23.17 6.95
CA ILE A 1169 -53.19 -23.14 7.00
C ILE A 1169 -53.59 -22.98 8.46
N PHE A 1170 -54.33 -21.92 8.76
CA PHE A 1170 -54.69 -21.58 10.14
C PHE A 1170 -56.09 -22.09 10.44
N SER A 1171 -56.17 -23.10 11.30
CA SER A 1171 -57.45 -23.56 11.83
C SER A 1171 -57.68 -22.93 13.20
N CYS A 1172 -58.93 -23.04 13.68
CA CYS A 1172 -59.32 -22.40 14.92
C CYS A 1172 -58.60 -22.98 16.13
N ASN A 1173 -58.11 -24.22 16.01
CA ASN A 1173 -57.49 -24.86 17.15
C ASN A 1173 -56.15 -25.52 16.86
N GLN A 1174 -55.63 -25.45 15.63
CA GLN A 1174 -54.39 -26.15 15.31
C GLN A 1174 -53.71 -25.49 14.12
N LEU A 1175 -52.38 -25.40 14.17
CA LEU A 1175 -51.59 -24.95 13.03
C LEU A 1175 -51.12 -26.18 12.27
N ARG A 1176 -51.33 -26.18 10.96
CA ARG A 1176 -51.00 -27.31 10.09
C ARG A 1176 -50.02 -26.87 9.01
N TYR A 1177 -49.08 -27.74 8.69
CA TYR A 1177 -48.13 -27.51 7.61
C TYR A 1177 -48.41 -28.49 6.48
N GLU A 1178 -48.85 -27.97 5.34
CA GLU A 1178 -49.00 -28.77 4.12
C GLU A 1178 -47.82 -28.45 3.21
N GLN A 1179 -47.16 -29.48 2.70
CA GLN A 1179 -45.94 -29.28 1.94
C GLN A 1179 -46.27 -28.97 0.48
N ILE A 1180 -45.81 -27.81 0.02
CA ILE A 1180 -46.02 -27.43 -1.38
C ILE A 1180 -44.95 -28.02 -2.28
N CYS A 1181 -43.68 -27.91 -1.92
CA CYS A 1181 -42.66 -28.42 -2.84
C CYS A 1181 -41.37 -28.79 -2.11
N GLU A 1182 -40.62 -29.68 -2.74
CA GLU A 1182 -39.28 -30.11 -2.37
C GLU A 1182 -38.42 -30.02 -3.62
N GLU A 1183 -37.25 -29.39 -3.52
CA GLU A 1183 -36.42 -29.27 -4.71
C GLU A 1183 -34.95 -29.04 -4.34
N GLU A 1184 -34.05 -29.59 -5.16
CA GLU A 1184 -32.62 -29.59 -4.88
C GLU A 1184 -31.88 -28.68 -5.86
N ILE A 1185 -30.96 -27.88 -5.33
CA ILE A 1185 -30.25 -26.87 -6.11
C ILE A 1185 -29.11 -27.51 -6.89
N ALA A 1186 -28.89 -27.02 -8.11
CA ALA A 1186 -27.74 -27.43 -8.89
C ALA A 1186 -26.48 -26.68 -8.50
N GLN A 1187 -26.61 -25.57 -7.77
CA GLN A 1187 -25.44 -24.81 -7.33
C GLN A 1187 -24.69 -25.58 -6.25
N LYS A 1188 -23.37 -25.65 -6.39
CA LYS A 1188 -22.53 -26.43 -5.48
C LYS A 1188 -22.33 -25.77 -4.13
N ALA A 1189 -22.20 -24.45 -4.09
CA ALA A 1189 -21.88 -23.75 -2.84
C ALA A 1189 -23.07 -23.79 -1.88
N LYS A 1190 -22.76 -23.63 -0.60
CA LYS A 1190 -23.79 -23.66 0.44
C LYS A 1190 -24.61 -22.38 0.43
N ILE A 1191 -25.90 -22.51 0.69
CA ILE A 1191 -26.79 -21.36 0.75
C ILE A 1191 -26.48 -20.57 2.02
N SER A 1192 -26.25 -19.27 1.88
CA SER A 1192 -25.93 -18.41 3.01
C SER A 1192 -27.12 -17.60 3.51
N TYR A 1193 -27.99 -17.15 2.60
CA TYR A 1193 -29.18 -16.39 2.97
C TYR A 1193 -30.29 -16.70 1.98
N LEU A 1194 -31.53 -16.60 2.46
CA LEU A 1194 -32.71 -16.81 1.64
C LEU A 1194 -33.71 -15.69 1.95
N VAL A 1195 -34.45 -15.26 0.93
CA VAL A 1195 -35.46 -14.22 1.09
C VAL A 1195 -36.54 -14.44 0.04
N ALA A 1196 -37.79 -14.23 0.44
CA ALA A 1196 -38.93 -14.31 -0.46
C ALA A 1196 -39.66 -12.98 -0.50
N THR A 1197 -40.24 -12.67 -1.65
CA THR A 1197 -40.99 -11.43 -1.80
C THR A 1197 -42.22 -11.42 -0.91
N ASP A 1198 -42.84 -10.24 -0.81
CA ASP A 1198 -44.02 -10.09 0.04
C ASP A 1198 -45.16 -10.99 -0.41
N ASP A 1199 -45.39 -11.10 -1.71
CA ASP A 1199 -46.42 -11.99 -2.23
C ASP A 1199 -46.00 -13.45 -2.23
N GLY A 1200 -44.71 -13.74 -2.03
CA GLY A 1200 -44.24 -15.10 -1.96
C GLY A 1200 -44.11 -15.81 -3.29
N THR A 1201 -44.24 -15.09 -4.41
CA THR A 1201 -44.13 -15.72 -5.71
C THR A 1201 -42.68 -15.97 -6.11
N MET A 1202 -41.75 -15.14 -5.64
CA MET A 1202 -40.36 -15.22 -6.05
C MET A 1202 -39.45 -15.32 -4.84
N LEU A 1203 -38.21 -15.76 -5.07
CA LEU A 1203 -37.21 -15.83 -4.02
C LEU A 1203 -35.83 -15.71 -4.65
N ALA A 1204 -34.84 -15.40 -3.81
CA ALA A 1204 -33.44 -15.36 -4.24
C ALA A 1204 -32.54 -15.76 -3.09
N MET A 1205 -31.47 -16.50 -3.40
CA MET A 1205 -30.46 -16.80 -2.40
C MET A 1205 -29.05 -16.55 -2.90
N GLY A 1206 -28.18 -16.17 -1.97
CA GLY A 1206 -26.76 -16.03 -2.22
C GLY A 1206 -26.02 -17.19 -1.58
N PHE A 1207 -24.82 -17.46 -2.07
CA PHE A 1207 -24.03 -18.60 -1.62
C PHE A 1207 -22.74 -18.11 -0.99
N GLU A 1208 -22.04 -19.04 -0.33
CA GLU A 1208 -20.79 -18.69 0.35
C GLU A 1208 -19.71 -18.23 -0.61
N ASN A 1209 -19.82 -18.55 -1.89
CA ASN A 1209 -18.83 -18.17 -2.88
C ASN A 1209 -19.13 -16.84 -3.56
N GLY A 1210 -20.25 -16.19 -3.21
CA GLY A 1210 -20.62 -14.92 -3.81
C GLY A 1210 -21.59 -15.00 -4.97
N THR A 1211 -22.04 -16.18 -5.35
CA THR A 1211 -23.00 -16.32 -6.43
C THR A 1211 -24.40 -15.94 -5.94
N LEU A 1212 -25.17 -15.28 -6.80
CA LEU A 1212 -26.52 -14.84 -6.45
C LEU A 1212 -27.50 -15.41 -7.46
N GLU A 1213 -28.50 -16.14 -6.96
CA GLU A 1213 -29.47 -16.85 -7.77
C GLU A 1213 -30.87 -16.32 -7.48
N LEU A 1214 -31.68 -16.15 -8.53
CA LEU A 1214 -33.07 -15.76 -8.39
C LEU A 1214 -33.95 -16.82 -9.04
N PHE A 1215 -34.97 -17.28 -8.30
CA PHE A 1215 -35.96 -18.23 -8.76
C PHE A 1215 -37.36 -17.69 -8.53
N ALA A 1216 -38.32 -18.23 -9.27
CA ALA A 1216 -39.73 -17.92 -9.07
C ALA A 1216 -40.47 -19.20 -8.67
N VAL A 1217 -41.62 -19.03 -8.04
CA VAL A 1217 -42.39 -20.17 -7.57
C VAL A 1217 -43.73 -20.23 -8.30
N GLU A 1218 -43.79 -21.04 -9.37
CA GLU A 1218 -45.03 -21.25 -10.12
C GLU A 1218 -45.29 -22.74 -10.23
N ASN A 1219 -46.57 -23.12 -10.25
CA ASN A 1219 -47.00 -24.51 -10.48
C ASN A 1219 -46.36 -25.46 -9.48
N ARG A 1220 -46.25 -25.04 -8.22
CA ARG A 1220 -45.66 -25.82 -7.14
C ARG A 1220 -44.22 -26.24 -7.42
N LYS A 1221 -43.57 -25.59 -8.39
CA LYS A 1221 -42.18 -25.86 -8.75
C LYS A 1221 -41.37 -24.58 -8.64
N VAL A 1222 -40.10 -24.73 -8.28
CA VAL A 1222 -39.17 -23.61 -8.21
C VAL A 1222 -38.18 -23.77 -9.35
N GLN A 1223 -38.13 -22.78 -10.24
CA GLN A 1223 -37.30 -22.80 -11.43
C GLN A 1223 -36.31 -21.66 -11.41
N LEU A 1224 -35.09 -21.92 -11.88
CA LEU A 1224 -34.07 -20.88 -11.88
C LEU A 1224 -34.44 -19.79 -12.88
N ILE A 1225 -34.53 -18.56 -12.40
CA ILE A 1225 -34.86 -17.41 -13.22
C ILE A 1225 -33.60 -16.72 -13.73
N TYR A 1226 -32.66 -16.44 -12.83
CA TYR A 1226 -31.45 -15.74 -13.27
C TYR A 1226 -30.29 -16.08 -12.35
N SER A 1227 -29.07 -16.02 -12.90
CA SER A 1227 -27.85 -16.32 -12.17
C SER A 1227 -26.84 -15.21 -12.41
N ILE A 1228 -26.16 -14.77 -11.35
CA ILE A 1228 -25.04 -13.83 -11.47
C ILE A 1228 -23.90 -14.35 -10.62
N GLU A 1229 -22.71 -14.42 -11.20
CA GLU A 1229 -21.51 -14.80 -10.49
C GLU A 1229 -20.61 -13.59 -10.30
N GLU A 1230 -19.47 -13.83 -9.62
CA GLU A 1230 -18.56 -12.77 -9.15
C GLU A 1230 -19.32 -11.55 -8.64
N VAL A 1231 -20.41 -11.77 -7.92
CA VAL A 1231 -21.14 -10.67 -7.29
C VAL A 1231 -20.33 -10.13 -6.12
N HIS A 1232 -19.84 -11.03 -5.27
CA HIS A 1232 -19.06 -10.68 -4.11
C HIS A 1232 -17.99 -11.74 -3.91
N GLU A 1233 -16.90 -11.36 -3.23
CA GLU A 1233 -15.87 -12.32 -2.91
C GLU A 1233 -16.07 -12.96 -1.54
N HIS A 1234 -17.01 -12.46 -0.76
CA HIS A 1234 -17.39 -13.06 0.52
C HIS A 1234 -18.79 -13.65 0.40
N CYS A 1235 -19.20 -14.36 1.45
CA CYS A 1235 -20.55 -14.90 1.49
C CYS A 1235 -21.57 -13.76 1.59
N ILE A 1236 -22.71 -13.93 0.93
CA ILE A 1236 -23.76 -12.92 1.01
C ILE A 1236 -24.31 -12.88 2.42
N ARG A 1237 -24.30 -11.70 3.03
CA ARG A 1237 -24.79 -11.54 4.39
C ARG A 1237 -26.27 -11.24 4.48
N GLN A 1238 -26.82 -10.48 3.52
CA GLN A 1238 -28.26 -10.24 3.56
C GLN A 1238 -28.77 -10.00 2.15
N LEU A 1239 -30.03 -10.37 1.92
CA LEU A 1239 -30.74 -10.08 0.68
C LEU A 1239 -32.10 -9.50 1.01
N LEU A 1240 -32.54 -8.50 0.25
CA LEU A 1240 -33.79 -7.82 0.56
C LEU A 1240 -34.55 -7.52 -0.73
N PHE A 1241 -35.87 -7.72 -0.68
CA PHE A 1241 -36.76 -7.38 -1.77
C PHE A 1241 -37.58 -6.14 -1.44
N SER A 1242 -37.75 -5.28 -2.44
CA SER A 1242 -38.60 -4.13 -2.29
C SER A 1242 -40.07 -4.56 -2.41
N PRO A 1243 -40.98 -3.85 -1.73
CA PRO A 1243 -42.41 -4.16 -1.87
C PRO A 1243 -42.91 -4.03 -3.30
N CYS A 1244 -42.36 -3.11 -4.08
CA CYS A 1244 -42.74 -2.93 -5.47
C CYS A 1244 -42.22 -4.02 -6.39
N LYS A 1245 -41.36 -4.91 -5.87
CA LYS A 1245 -40.79 -6.06 -6.59
C LYS A 1245 -39.91 -5.64 -7.76
N LEU A 1246 -39.46 -4.39 -7.80
CA LEU A 1246 -38.59 -3.92 -8.88
C LEU A 1246 -37.11 -3.96 -8.52
N LEU A 1247 -36.78 -4.09 -7.24
CA LEU A 1247 -35.41 -3.92 -6.75
C LEU A 1247 -35.04 -5.03 -5.80
N LEU A 1248 -33.75 -5.40 -5.79
CA LEU A 1248 -33.21 -6.37 -4.86
C LEU A 1248 -31.87 -5.88 -4.34
N ILE A 1249 -31.72 -5.81 -3.02
CA ILE A 1249 -30.48 -5.35 -2.40
C ILE A 1249 -29.69 -6.56 -1.90
N SER A 1250 -28.39 -6.58 -2.21
CA SER A 1250 -27.47 -7.55 -1.67
C SER A 1250 -26.46 -6.86 -0.75
N CYS A 1251 -26.39 -7.32 0.49
CA CYS A 1251 -25.48 -6.81 1.50
C CYS A 1251 -24.37 -7.83 1.74
N ALA A 1252 -23.16 -7.45 1.35
CA ALA A 1252 -21.93 -8.23 1.49
C ALA A 1252 -20.80 -7.22 1.64
N GLU A 1253 -19.57 -7.63 1.32
CA GLU A 1253 -18.45 -6.68 1.26
C GLU A 1253 -18.81 -5.39 0.54
N GLN A 1254 -19.75 -5.44 -0.41
CA GLN A 1254 -20.27 -4.28 -1.10
C GLN A 1254 -21.78 -4.38 -1.18
N LEU A 1255 -22.44 -3.24 -1.11
CA LEU A 1255 -23.89 -3.15 -1.21
C LEU A 1255 -24.26 -2.98 -2.67
N CYS A 1256 -24.98 -3.95 -3.22
CA CYS A 1256 -25.34 -3.96 -4.64
C CYS A 1256 -26.84 -3.84 -4.80
N PHE A 1257 -27.26 -3.02 -5.77
CA PHE A 1257 -28.67 -2.82 -6.11
C PHE A 1257 -28.91 -3.49 -7.46
N TRP A 1258 -29.87 -4.41 -7.50
CA TRP A 1258 -30.16 -5.20 -8.69
C TRP A 1258 -31.56 -4.91 -9.18
N ASN A 1259 -31.70 -4.78 -10.50
CA ASN A 1259 -32.99 -4.48 -11.14
C ASN A 1259 -33.71 -5.79 -11.43
N VAL A 1260 -34.89 -5.98 -10.82
CA VAL A 1260 -35.62 -7.22 -10.96
C VAL A 1260 -36.23 -7.36 -12.35
N THR A 1261 -36.67 -6.25 -12.96
CA THR A 1261 -37.37 -6.35 -14.24
C THR A 1261 -36.45 -6.86 -15.35
N HIS A 1262 -35.28 -6.23 -15.50
CA HIS A 1262 -34.31 -6.73 -16.48
C HIS A 1262 -33.83 -8.12 -16.12
N MET A 1263 -33.82 -8.43 -14.82
CA MET A 1263 -33.50 -9.77 -14.35
C MET A 1263 -34.50 -10.79 -14.89
N ARG A 1264 -35.79 -10.43 -14.90
CA ARG A 1264 -36.85 -11.32 -15.34
C ARG A 1264 -36.90 -11.43 -16.86
N ASN A 1265 -36.66 -10.31 -17.56
CA ASN A 1265 -36.85 -10.29 -19.01
C ASN A 1265 -35.78 -11.09 -19.75
N ASN A 1266 -34.71 -11.52 -19.08
CA ASN A 1266 -33.63 -12.23 -19.74
C ASN A 1266 -33.44 -13.62 -19.16
N GLN A 1267 -34.53 -14.37 -19.00
CA GLN A 1267 -34.47 -15.73 -18.48
C GLN A 1267 -33.52 -16.62 -19.28
N THR A 1318 -43.03 4.56 -4.56
CA THR A 1318 -41.78 3.82 -4.50
C THR A 1318 -41.38 3.31 -5.88
N ALA A 1319 -42.36 2.78 -6.62
CA ALA A 1319 -42.10 2.27 -7.95
C ALA A 1319 -41.65 3.39 -8.90
N GLU A 1320 -42.23 4.57 -8.77
CA GLU A 1320 -41.84 5.69 -9.62
C GLU A 1320 -40.39 6.12 -9.36
N LEU A 1321 -39.90 5.89 -8.13
CA LEU A 1321 -38.52 6.25 -7.83
C LEU A 1321 -37.53 5.35 -8.55
N TRP A 1322 -37.85 4.06 -8.69
CA TRP A 1322 -36.93 3.10 -9.29
C TRP A 1322 -37.32 2.68 -10.70
N ARG A 1323 -38.31 3.34 -11.31
CA ARG A 1323 -38.68 3.03 -12.68
C ARG A 1323 -37.68 3.63 -13.65
N ASN A 1324 -37.52 2.99 -14.81
CA ASN A 1324 -36.69 3.49 -15.91
C ASN A 1324 -35.23 3.68 -15.52
N LYS A 1325 -34.83 3.17 -14.36
CA LYS A 1325 -33.43 3.24 -13.95
C LYS A 1325 -32.62 2.15 -14.64
N ARG A 1326 -31.48 2.54 -15.21
CA ARG A 1326 -30.62 1.62 -15.92
C ARG A 1326 -29.22 1.64 -15.31
N GLY A 1327 -28.50 0.53 -15.49
CA GLY A 1327 -27.17 0.38 -14.93
C GLY A 1327 -26.09 0.44 -15.99
N ASN A 1328 -24.93 -0.12 -15.63
CA ASN A 1328 -23.77 -0.12 -16.51
C ASN A 1328 -24.05 -0.97 -17.75
N ALA A 1329 -23.40 -0.60 -18.85
CA ALA A 1329 -23.56 -1.34 -20.10
C ALA A 1329 -23.06 -2.78 -19.98
N ILE A 1330 -21.93 -2.98 -19.30
CA ILE A 1330 -21.40 -4.32 -19.13
C ILE A 1330 -22.35 -5.19 -18.31
N ARG A 1331 -22.92 -4.63 -17.25
CA ARG A 1331 -23.81 -5.37 -16.35
C ARG A 1331 -25.12 -4.59 -16.26
N PRO A 1332 -26.02 -4.78 -17.23
CA PRO A 1332 -27.25 -3.96 -17.26
C PRO A 1332 -28.16 -4.17 -16.07
N GLU A 1333 -28.08 -5.32 -15.38
CA GLU A 1333 -28.96 -5.55 -14.23
C GLU A 1333 -28.42 -4.94 -12.94
N LEU A 1334 -27.15 -4.53 -12.91
CA LEU A 1334 -26.54 -3.94 -11.73
C LEU A 1334 -26.78 -2.44 -11.74
N LEU A 1335 -27.75 -1.98 -10.94
CA LEU A 1335 -28.08 -0.58 -10.91
C LEU A 1335 -26.97 0.27 -10.28
N ALA A 1336 -26.48 -0.15 -9.12
CA ALA A 1336 -25.44 0.61 -8.43
C ALA A 1336 -24.74 -0.31 -7.43
N CYS A 1337 -23.55 0.11 -7.00
CA CYS A 1337 -22.77 -0.64 -6.04
C CYS A 1337 -21.95 0.32 -5.20
N VAL A 1338 -21.99 0.14 -3.88
CA VAL A 1338 -21.24 0.96 -2.94
C VAL A 1338 -20.34 0.04 -2.12
N LYS A 1339 -19.04 0.29 -2.15
CA LYS A 1339 -18.07 -0.53 -1.44
C LYS A 1339 -17.81 0.06 -0.05
N PHE A 1340 -18.00 -0.76 0.97
CA PHE A 1340 -17.66 -0.38 2.34
C PHE A 1340 -16.15 -0.34 2.51
N VAL A 1341 -15.67 0.65 3.27
CA VAL A 1341 -14.24 0.74 3.53
C VAL A 1341 -13.77 -0.43 4.37
N GLY A 1342 -14.68 -1.05 5.12
CA GLY A 1342 -14.36 -2.22 5.91
C GLY A 1342 -14.45 -3.49 5.09
N ASN A 1343 -14.21 -4.60 5.78
CA ASN A 1343 -14.15 -5.90 5.10
C ASN A 1343 -15.53 -6.42 4.74
N GLU A 1344 -16.53 -6.16 5.60
CA GLU A 1344 -17.87 -6.69 5.39
C GLU A 1344 -18.85 -5.94 6.28
N ALA A 1345 -20.13 -6.09 6.00
CA ALA A 1345 -21.21 -5.50 6.78
C ALA A 1345 -22.28 -6.55 7.02
N ARG A 1346 -22.60 -6.80 8.29
CA ARG A 1346 -23.51 -7.88 8.63
C ARG A 1346 -24.96 -7.54 8.29
N GLN A 1347 -25.41 -6.34 8.61
CA GLN A 1347 -26.80 -5.96 8.40
C GLN A 1347 -26.90 -4.58 7.78
N PHE A 1348 -28.05 -4.31 7.17
CA PHE A 1348 -28.38 -3.00 6.62
C PHE A 1348 -29.89 -2.81 6.74
N PHE A 1349 -30.32 -1.56 6.84
CA PHE A 1349 -31.75 -1.27 6.97
C PHE A 1349 -32.18 -0.22 5.96
N THR A 1350 -33.47 -0.25 5.64
CA THR A 1350 -34.09 0.66 4.68
C THR A 1350 -35.34 1.26 5.31
N ASP A 1351 -35.75 2.42 4.79
CA ASP A 1351 -36.99 3.03 5.26
C ASP A 1351 -38.18 2.42 4.51
N ALA A 1352 -39.37 2.96 4.82
CA ALA A 1352 -40.58 2.46 4.17
C ALA A 1352 -40.61 2.80 2.69
N HIS A 1353 -40.13 3.97 2.31
CA HIS A 1353 -40.13 4.41 0.93
C HIS A 1353 -38.95 3.90 0.12
N PHE A 1354 -38.05 3.14 0.75
CA PHE A 1354 -36.84 2.63 0.10
C PHE A 1354 -36.01 3.78 -0.48
N SER A 1355 -35.90 4.87 0.29
CA SER A 1355 -35.13 6.03 -0.13
C SER A 1355 -33.86 6.27 0.70
N HIS A 1356 -33.79 5.77 1.92
CA HIS A 1356 -32.60 5.90 2.75
C HIS A 1356 -32.17 4.53 3.24
N PHE A 1357 -30.86 4.31 3.29
CA PHE A 1357 -30.27 3.04 3.67
C PHE A 1357 -29.21 3.28 4.72
N TYR A 1358 -29.35 2.62 5.87
CA TYR A 1358 -28.43 2.76 6.98
C TYR A 1358 -27.56 1.52 7.08
N ALA A 1359 -26.25 1.71 7.19
CA ALA A 1359 -25.33 0.57 7.21
C ALA A 1359 -24.21 0.83 8.21
N ILE A 1360 -23.62 -0.26 8.71
CA ILE A 1360 -22.45 -0.23 9.58
C ILE A 1360 -21.55 -1.39 9.20
N ASP A 1361 -20.35 -1.07 8.71
CA ASP A 1361 -19.36 -2.11 8.48
C ASP A 1361 -18.71 -2.54 9.80
N ASP A 1362 -17.82 -3.52 9.70
CA ASP A 1362 -17.19 -4.08 10.89
C ASP A 1362 -16.21 -3.13 11.56
N GLU A 1363 -15.80 -2.05 10.89
CA GLU A 1363 -14.79 -1.15 11.43
C GLU A 1363 -15.37 0.07 12.14
N GLY A 1364 -16.70 0.15 12.25
CA GLY A 1364 -17.33 1.26 12.93
C GLY A 1364 -17.71 2.44 12.08
N VAL A 1365 -17.27 2.49 10.83
CA VAL A 1365 -17.72 3.53 9.91
C VAL A 1365 -19.15 3.22 9.49
N TYR A 1366 -20.01 4.24 9.49
CA TYR A 1366 -21.44 4.02 9.50
C TYR A 1366 -22.12 4.96 8.50
N TYR A 1367 -22.75 4.35 7.48
CA TYR A 1367 -23.12 5.00 6.24
C TYR A 1367 -24.60 5.36 6.24
N HIS A 1368 -24.90 6.56 5.74
CA HIS A 1368 -26.26 7.01 5.39
C HIS A 1368 -26.29 7.16 3.87
N LEU A 1369 -27.05 6.31 3.19
CA LEU A 1369 -27.15 6.34 1.74
C LEU A 1369 -28.54 6.85 1.36
N GLN A 1370 -28.61 8.06 0.83
CA GLN A 1370 -29.87 8.72 0.53
C GLN A 1370 -30.02 8.86 -0.97
N LEU A 1371 -31.17 8.48 -1.50
CA LEU A 1371 -31.46 8.66 -2.91
C LEU A 1371 -31.53 10.14 -3.25
N LEU A 1372 -30.91 10.50 -4.38
CA LEU A 1372 -30.93 11.89 -4.84
C LEU A 1372 -32.32 12.21 -5.37
N GLU A 1373 -33.06 13.03 -4.63
CA GLU A 1373 -34.43 13.37 -5.00
C GLU A 1373 -34.48 14.20 -6.27
#